data_2XU1
#
_entry.id   2XU1
#
_cell.length_a   57.360
_cell.length_b   62.705
_cell.length_c   68.243
_cell.angle_alpha   105.62
_cell.angle_beta   93.24
_cell.angle_gamma   115.45
#
_symmetry.space_group_name_H-M   'P 1'
#
loop_
_entity.id
_entity.type
_entity.pdbx_description
1 polymer 'CATHEPSIN L1'
2 non-polymer (2S,4R)-1-[1-(4-chlorophenyl)cyclopropyl]carbonyl-4-(2-chlorophenyl)sulfonyl-N-[1-(iminomethyl)cyclopropyl]pyrrolidine-2-carboxamide
3 water water
#
_entity_poly.entity_id   1
_entity_poly.type   'polypeptide(L)'
_entity_poly.pdbx_seq_one_letter_code
;APRSVDWREKGYVTPVKNQGQCGSCWAFSATGALEGQMFRKTGRLISLSEQNLVDCSGPQGNEGCNGGLMDYAFQYVQDN
GGLDSEESYPYEATEESCKYNPKYSVANDAGFVDIPKQEKALMKAVATVGPISVAIDAGHESFLFYKEGIYFEPDCSSED
MDHGVLVVGYGFESTESDNNKYWLVKNSWGEEWGMGGYVKMAKDRRNHCGIASAASYPTV
;
_entity_poly.pdbx_strand_id   A,B,C,D
#
loop_
_chem_comp.id
_chem_comp.type
_chem_comp.name
_chem_comp.formula
424 non-polymer (2S,4R)-1-[1-(4-chlorophenyl)cyclopropyl]carbonyl-4-(2-chlorophenyl)sulfonyl-N-[1-(iminomethyl)cyclopropyl]pyrrolidine-2-carboxamide 'C25 H25 Cl2 N3 O4 S'
#
# COMPACT_ATOMS: atom_id res chain seq x y z
N ALA A 1 16.48 11.17 7.96
CA ALA A 1 15.20 11.61 7.32
C ALA A 1 14.11 11.73 8.40
N PRO A 2 12.98 12.42 8.08
CA PRO A 2 11.90 12.56 9.05
C PRO A 2 11.23 11.22 9.36
N ARG A 3 10.53 11.16 10.49
CA ARG A 3 9.86 9.93 10.88
CA ARG A 3 9.83 9.95 10.90
C ARG A 3 8.65 9.68 9.97
N SER A 4 8.04 10.73 9.46
CA SER A 4 6.92 10.58 8.53
C SER A 4 6.89 11.68 7.48
N VAL A 5 6.34 11.37 6.31
CA VAL A 5 6.26 12.31 5.18
C VAL A 5 4.91 12.08 4.51
N ASP A 6 4.28 13.18 4.07
CA ASP A 6 3.05 13.15 3.29
C ASP A 6 3.06 14.33 2.30
N TRP A 7 3.44 14.04 1.08
CA TRP A 7 3.59 15.08 0.07
C TRP A 7 2.26 15.69 -0.37
N ARG A 8 1.15 15.08 0.02
CA ARG A 8 -0.17 15.65 -0.31
C ARG A 8 -0.38 16.97 0.44
N GLU A 9 0.09 17.02 1.69
CA GLU A 9 -0.06 18.24 2.48
C GLU A 9 0.80 19.40 1.98
N LYS A 10 1.79 19.08 1.13
CA LYS A 10 2.62 20.11 0.53
C LYS A 10 2.21 20.58 -0.86
N GLY A 11 1.13 20.01 -1.40
CA GLY A 11 0.63 20.43 -2.73
C GLY A 11 1.26 19.74 -3.95
N TYR A 12 1.94 18.62 -3.71
CA TYR A 12 2.64 17.90 -4.77
C TYR A 12 1.78 16.89 -5.54
N VAL A 13 0.57 16.61 -5.06
CA VAL A 13 -0.18 15.42 -5.53
C VAL A 13 -1.58 15.81 -6.02
N THR A 14 -1.95 15.39 -7.24
CA THR A 14 -3.29 15.57 -7.74
C THR A 14 -4.25 14.57 -7.09
N PRO A 15 -5.57 14.77 -7.26
CA PRO A 15 -6.49 13.75 -6.77
C PRO A 15 -6.33 12.43 -7.49
N VAL A 16 -6.91 11.41 -6.88
CA VAL A 16 -6.83 10.05 -7.38
C VAL A 16 -7.55 9.97 -8.71
N LYS A 17 -6.88 9.29 -9.65
CA LYS A 17 -7.42 9.06 -10.98
C LYS A 17 -7.81 7.58 -11.15
N ASN A 18 -8.47 7.32 -12.27
CA ASN A 18 -8.92 5.96 -12.61
C ASN A 18 -8.53 5.55 -14.04
N GLN A 19 -7.67 4.55 -14.13
CA GLN A 19 -7.19 4.09 -15.42
C GLN A 19 -8.27 3.34 -16.22
N GLY A 20 -9.34 2.91 -15.54
CA GLY A 20 -10.43 2.17 -16.21
C GLY A 20 -9.95 0.83 -16.74
N GLN A 21 -10.54 0.41 -17.85
CA GLN A 21 -10.18 -0.87 -18.45
C GLN A 21 -9.10 -0.71 -19.52
N CYS A 22 -7.92 -0.24 -19.08
CA CYS A 22 -6.77 -0.06 -19.96
C CYS A 22 -5.57 -0.29 -19.09
N GLY A 23 -4.60 -1.06 -19.60
CA GLY A 23 -3.37 -1.41 -18.85
C GLY A 23 -2.37 -0.28 -18.81
N SER A 24 -2.82 0.84 -18.26
CA SER A 24 -2.04 2.08 -18.34
C SER A 24 -1.51 2.55 -16.98
N CYS A 25 -1.47 1.63 -16.01
CA CYS A 25 -0.97 1.97 -14.65
C CYS A 25 0.36 2.72 -14.72
N TRP A 26 1.27 2.24 -15.57
CA TRP A 26 2.57 2.86 -15.79
C TRP A 26 2.49 4.35 -16.12
N ALA A 27 1.46 4.74 -16.87
CA ALA A 27 1.31 6.10 -17.32
C ALA A 27 0.85 6.97 -16.15
N PHE A 28 0.02 6.40 -15.27
CA PHE A 28 -0.46 7.15 -14.11
C PHE A 28 0.62 7.30 -13.07
N SER A 29 1.40 6.23 -12.86
CA SER A 29 2.54 6.31 -11.98
C SER A 29 3.52 7.40 -12.49
N ALA A 30 3.79 7.41 -13.78
CA ALA A 30 4.69 8.37 -14.39
C ALA A 30 4.20 9.83 -14.27
N THR A 31 2.92 10.08 -14.59
CA THR A 31 2.38 11.44 -14.46
C THR A 31 2.40 11.85 -12.98
N GLY A 32 2.18 10.91 -12.06
CA GLY A 32 2.16 11.29 -10.64
C GLY A 32 3.55 11.81 -10.25
N ALA A 33 4.59 11.12 -10.68
CA ALA A 33 5.98 11.52 -10.30
C ALA A 33 6.33 12.82 -10.99
N LEU A 34 5.93 12.96 -12.25
CA LEU A 34 6.22 14.18 -13.00
C LEU A 34 5.39 15.38 -12.47
N GLU A 35 4.13 15.15 -12.06
CA GLU A 35 3.36 16.20 -11.38
C GLU A 35 4.11 16.74 -10.15
N GLY A 36 4.68 15.81 -9.40
CA GLY A 36 5.36 16.18 -8.19
C GLY A 36 6.64 16.96 -8.48
N GLN A 37 7.45 16.48 -9.42
CA GLN A 37 8.68 17.18 -9.77
C GLN A 37 8.40 18.52 -10.42
N MET A 38 7.38 18.61 -11.26
CA MET A 38 7.01 19.92 -11.86
C MET A 38 6.62 20.91 -10.80
N PHE A 39 5.83 20.45 -9.82
CA PHE A 39 5.48 21.31 -8.69
C PHE A 39 6.70 21.76 -7.88
N ARG A 40 7.64 20.85 -7.61
CA ARG A 40 8.90 21.21 -6.95
C ARG A 40 9.59 22.37 -7.69
N LYS A 41 9.60 22.28 -9.01
CA LYS A 41 10.35 23.20 -9.86
C LYS A 41 9.61 24.50 -10.04
N THR A 42 8.29 24.46 -10.20
CA THR A 42 7.54 25.67 -10.59
C THR A 42 6.57 26.21 -9.56
N GLY A 43 6.22 25.41 -8.56
CA GLY A 43 5.24 25.80 -7.55
C GLY A 43 3.82 25.71 -8.07
N ARG A 44 3.65 25.06 -9.23
CA ARG A 44 2.32 24.86 -9.82
C ARG A 44 2.01 23.40 -10.05
N LEU A 45 0.96 22.92 -9.40
CA LEU A 45 0.46 21.54 -9.65
C LEU A 45 -0.49 21.57 -10.87
N ILE A 46 -0.11 20.86 -11.95
CA ILE A 46 -0.96 20.72 -13.15
C ILE A 46 -1.11 19.25 -13.48
N SER A 47 -2.35 18.80 -13.57
CA SER A 47 -2.61 17.42 -13.90
C SER A 47 -2.08 17.14 -15.31
N LEU A 48 -1.32 16.05 -15.42
CA LEU A 48 -0.66 15.67 -16.69
C LEU A 48 -1.38 14.55 -17.49
N SER A 49 -1.20 14.56 -18.81
CA SER A 49 -1.97 13.64 -19.67
C SER A 49 -1.40 12.22 -19.76
N GLU A 50 -2.07 11.25 -19.17
CA GLU A 50 -1.73 9.82 -19.39
C GLU A 50 -1.99 9.36 -20.80
N GLN A 51 -3.05 9.90 -21.40
CA GLN A 51 -3.40 9.53 -22.77
C GLN A 51 -2.25 9.88 -23.72
N ASN A 52 -1.68 11.06 -23.52
CA ASN A 52 -0.46 11.46 -24.27
C ASN A 52 0.60 10.36 -24.19
N LEU A 53 0.81 9.81 -23.00
CA LEU A 53 1.81 8.74 -22.82
C LEU A 53 1.36 7.45 -23.51
N VAL A 54 0.08 7.10 -23.36
CA VAL A 54 -0.44 5.86 -23.95
C VAL A 54 -0.34 5.88 -25.49
N ASP A 55 -0.62 7.04 -26.08
CA ASP A 55 -0.76 7.16 -27.53
C ASP A 55 0.59 7.31 -28.20
N CYS A 56 1.57 7.89 -27.49
CA CYS A 56 2.76 8.45 -28.11
C CYS A 56 4.12 7.86 -27.69
N SER A 57 4.15 7.08 -26.60
CA SER A 57 5.48 6.61 -26.12
C SER A 57 5.84 5.18 -26.52
N GLY A 58 5.20 4.68 -27.57
CA GLY A 58 5.60 3.42 -28.21
C GLY A 58 7.07 3.39 -28.63
N PRO A 59 7.58 4.49 -29.23
CA PRO A 59 9.00 4.49 -29.64
C PRO A 59 9.99 4.25 -28.49
N GLN A 60 9.59 4.63 -27.29
CA GLN A 60 10.45 4.47 -26.11
C GLN A 60 10.33 3.08 -25.49
N GLY A 61 9.36 2.29 -25.97
CA GLY A 61 9.18 0.89 -25.60
C GLY A 61 7.86 0.58 -24.92
N ASN A 62 6.98 1.57 -24.79
CA ASN A 62 5.71 1.32 -24.10
C ASN A 62 4.71 0.65 -25.02
N GLU A 63 3.77 -0.07 -24.41
CA GLU A 63 2.77 -0.83 -25.18
C GLU A 63 1.34 -0.41 -24.86
N GLY A 64 1.13 0.91 -24.71
CA GLY A 64 -0.21 1.47 -24.61
C GLY A 64 -1.01 0.87 -23.47
N CYS A 65 -2.19 0.35 -23.79
CA CYS A 65 -3.06 -0.28 -22.81
C CYS A 65 -2.63 -1.71 -22.45
N ASN A 66 -1.56 -2.22 -23.08
CA ASN A 66 -1.02 -3.52 -22.70
C ASN A 66 0.12 -3.50 -21.66
N GLY A 67 0.47 -2.31 -21.18
CA GLY A 67 1.55 -2.20 -20.18
C GLY A 67 2.69 -1.32 -20.65
N GLY A 68 3.60 -0.99 -19.75
CA GLY A 68 4.72 -0.13 -20.10
C GLY A 68 5.49 0.14 -18.83
N LEU A 69 6.49 1.02 -18.92
CA LEU A 69 7.35 1.34 -17.82
C LEU A 69 7.38 2.84 -17.62
N MET A 70 7.36 3.23 -16.36
CA MET A 70 7.48 4.64 -16.03
C MET A 70 8.76 5.24 -16.59
N ASP A 71 9.86 4.48 -16.55
CA ASP A 71 11.11 5.00 -17.14
C ASP A 71 11.02 5.30 -18.63
N TYR A 72 10.31 4.45 -19.39
CA TYR A 72 10.08 4.72 -20.80
C TYR A 72 9.24 5.98 -21.00
N ALA A 73 8.28 6.19 -20.11
CA ALA A 73 7.50 7.41 -20.14
C ALA A 73 8.34 8.67 -19.85
N PHE A 74 9.22 8.58 -18.87
CA PHE A 74 10.14 9.69 -18.58
C PHE A 74 11.06 9.97 -19.76
N GLN A 75 11.54 8.91 -20.42
CA GLN A 75 12.39 9.08 -21.61
C GLN A 75 11.62 9.75 -22.75
N TYR A 76 10.36 9.33 -22.94
CA TYR A 76 9.54 9.98 -23.94
C TYR A 76 9.43 11.48 -23.73
N VAL A 77 9.21 11.89 -22.48
CA VAL A 77 9.03 13.30 -22.20
C VAL A 77 10.29 14.06 -22.59
N GLN A 78 11.47 13.48 -22.28
CA GLN A 78 12.75 14.03 -22.71
C GLN A 78 12.88 14.08 -24.23
N ASP A 79 12.69 12.93 -24.87
CA ASP A 79 12.82 12.87 -26.33
C ASP A 79 11.85 13.82 -27.03
N ASN A 80 10.66 13.91 -26.49
CA ASN A 80 9.59 14.66 -27.13
C ASN A 80 9.65 16.18 -26.89
N GLY A 81 10.38 16.62 -25.87
CA GLY A 81 10.46 18.03 -25.52
C GLY A 81 9.30 18.56 -24.70
N GLY A 82 8.42 17.66 -24.26
CA GLY A 82 7.26 18.09 -23.46
C GLY A 82 6.26 16.98 -23.23
N LEU A 83 5.19 17.33 -22.51
CA LEU A 83 4.02 16.48 -22.24
C LEU A 83 2.81 17.36 -21.99
N ASP A 84 1.70 17.06 -22.66
CA ASP A 84 0.49 17.87 -22.56
C ASP A 84 -0.24 17.71 -21.24
N SER A 85 -0.94 18.78 -20.86
CA SER A 85 -1.80 18.74 -19.68
C SER A 85 -2.98 17.75 -19.87
N GLU A 86 -3.49 17.24 -18.76
CA GLU A 86 -4.67 16.38 -18.72
C GLU A 86 -5.84 17.11 -19.38
N GLU A 87 -5.98 18.39 -19.07
CA GLU A 87 -7.07 19.22 -19.64
C GLU A 87 -7.00 19.29 -21.16
N SER A 88 -5.81 19.53 -21.71
CA SER A 88 -5.65 19.61 -23.15
C SER A 88 -5.78 18.26 -23.85
N TYR A 89 -5.53 17.16 -23.14
CA TYR A 89 -5.38 15.86 -23.80
C TYR A 89 -5.97 14.79 -22.92
N PRO A 90 -7.30 14.77 -22.87
CA PRO A 90 -8.02 14.00 -21.85
C PRO A 90 -7.91 12.48 -22.03
N TYR A 91 -8.18 11.77 -20.95
CA TYR A 91 -8.04 10.33 -20.89
C TYR A 91 -9.24 9.58 -21.48
N GLU A 92 -8.93 8.65 -22.38
CA GLU A 92 -9.93 7.91 -23.17
C GLU A 92 -10.00 6.45 -22.79
N ALA A 93 -8.98 5.96 -22.06
CA ALA A 93 -8.92 4.54 -21.66
C ALA A 93 -8.79 3.54 -22.82
N THR A 94 -8.21 4.01 -23.93
CA THR A 94 -8.00 3.19 -25.09
C THR A 94 -6.82 3.77 -25.90
N GLU A 95 -6.06 2.92 -26.60
CA GLU A 95 -4.97 3.43 -27.44
C GLU A 95 -5.51 4.07 -28.74
N GLU A 96 -5.03 5.28 -29.03
CA GLU A 96 -5.40 6.04 -30.22
C GLU A 96 -4.15 6.61 -30.86
N SER A 97 -4.25 7.18 -32.06
CA SER A 97 -3.07 7.82 -32.63
C SER A 97 -2.62 9.03 -31.81
N CYS A 98 -1.30 9.27 -31.85
CA CYS A 98 -0.70 10.33 -31.09
C CYS A 98 -1.24 11.70 -31.52
N LYS A 99 -1.68 12.52 -30.57
CA LYS A 99 -2.13 13.89 -30.89
C LYS A 99 -1.41 14.97 -30.08
N TYR A 100 -0.15 14.67 -29.74
CA TYR A 100 0.63 15.62 -28.93
C TYR A 100 0.67 16.98 -29.62
N ASN A 101 0.45 18.03 -28.84
CA ASN A 101 0.56 19.39 -29.33
C ASN A 101 1.46 20.18 -28.38
N PRO A 102 2.62 20.64 -28.88
CA PRO A 102 3.57 21.34 -27.99
C PRO A 102 3.01 22.65 -27.41
N LYS A 103 2.03 23.25 -28.09
CA LYS A 103 1.44 24.47 -27.57
C LYS A 103 0.90 24.25 -26.15
N TYR A 104 0.44 23.03 -25.86
CA TYR A 104 -0.21 22.73 -24.56
C TYR A 104 0.68 21.90 -23.62
N SER A 105 1.96 21.83 -23.95
CA SER A 105 2.92 21.16 -23.09
C SER A 105 3.11 21.98 -21.83
N VAL A 106 2.98 21.30 -20.69
CA VAL A 106 3.19 21.96 -19.39
C VAL A 106 4.26 21.29 -18.54
N ALA A 107 4.97 20.31 -19.08
CA ALA A 107 5.96 19.53 -18.31
C ALA A 107 7.09 19.10 -19.22
N ASN A 108 8.28 18.90 -18.65
CA ASN A 108 9.43 18.45 -19.38
C ASN A 108 10.32 17.73 -18.38
N ASP A 109 11.28 16.97 -18.89
CA ASP A 109 12.34 16.41 -18.00
C ASP A 109 13.61 16.23 -18.80
N ALA A 110 14.70 15.89 -18.12
CA ALA A 110 15.99 15.64 -18.75
C ALA A 110 16.46 14.28 -18.25
N GLY A 111 15.57 13.31 -18.37
CA GLY A 111 15.81 11.92 -18.04
C GLY A 111 15.16 11.49 -16.76
N PHE A 112 15.78 10.51 -16.12
CA PHE A 112 15.25 9.92 -14.92
C PHE A 112 16.32 9.28 -14.06
N VAL A 113 15.92 8.93 -12.87
CA VAL A 113 16.80 8.39 -11.87
C VAL A 113 16.24 7.07 -11.39
N ASP A 114 17.05 6.01 -11.45
CA ASP A 114 16.71 4.70 -10.85
C ASP A 114 17.34 4.59 -9.46
N ILE A 115 16.49 4.57 -8.46
CA ILE A 115 16.92 4.45 -7.08
C ILE A 115 17.50 3.06 -6.83
N PRO A 116 18.63 2.98 -6.10
CA PRO A 116 19.15 1.62 -5.86
C PRO A 116 18.10 0.77 -5.08
N LYS A 117 18.17 -0.55 -5.24
CA LYS A 117 17.26 -1.51 -4.60
C LYS A 117 17.38 -1.67 -3.05
N GLN A 118 17.27 -0.56 -2.32
CA GLN A 118 17.13 -0.61 -0.86
C GLN A 118 16.00 0.26 -0.38
N GLU A 119 15.21 -0.25 0.55
CA GLU A 119 14.16 0.58 1.21
C GLU A 119 14.71 1.81 1.95
N LYS A 120 15.94 1.72 2.43
N LYS A 120 15.94 1.70 2.42
CA LYS A 120 16.62 2.88 3.00
CA LYS A 120 16.70 2.82 2.98
C LYS A 120 16.79 3.96 1.91
C LYS A 120 16.78 3.92 1.92
N ALA A 121 17.21 3.54 0.73
CA ALA A 121 17.40 4.48 -0.38
C ALA A 121 16.07 5.07 -0.82
N LEU A 122 15.02 4.25 -0.84
CA LEU A 122 13.73 4.76 -1.25
C LEU A 122 13.21 5.77 -0.23
N MET A 123 13.36 5.48 1.07
CA MET A 123 12.92 6.42 2.09
C MET A 123 13.63 7.79 1.93
N LYS A 124 14.96 7.77 1.75
CA LYS A 124 15.70 9.02 1.55
C LYS A 124 15.18 9.78 0.31
N ALA A 125 14.86 9.05 -0.75
CA ALA A 125 14.37 9.67 -1.98
C ALA A 125 12.98 10.32 -1.74
N VAL A 126 12.09 9.58 -1.08
CA VAL A 126 10.78 10.11 -0.76
C VAL A 126 10.90 11.34 0.14
N ALA A 127 11.82 11.30 1.11
CA ALA A 127 11.96 12.43 2.01
C ALA A 127 12.52 13.68 1.34
N THR A 128 13.35 13.51 0.34
CA THR A 128 14.11 14.60 -0.24
C THR A 128 13.65 15.09 -1.62
N VAL A 129 13.01 14.19 -2.37
CA VAL A 129 12.72 14.42 -3.78
C VAL A 129 11.27 14.81 -3.99
N GLY A 130 10.35 14.04 -3.39
CA GLY A 130 8.91 14.17 -3.70
C GLY A 130 8.37 12.76 -3.90
N PRO A 131 7.15 12.67 -4.46
CA PRO A 131 6.58 11.38 -4.79
C PRO A 131 7.45 10.59 -5.81
N ILE A 132 7.49 9.27 -5.61
CA ILE A 132 8.39 8.38 -6.35
C ILE A 132 7.57 7.32 -7.07
N SER A 133 7.82 7.09 -8.36
CA SER A 133 7.20 5.97 -9.08
C SER A 133 7.77 4.66 -8.63
N VAL A 134 6.90 3.68 -8.33
CA VAL A 134 7.38 2.35 -7.91
C VAL A 134 6.64 1.23 -8.60
N ALA A 135 7.35 0.10 -8.74
CA ALA A 135 6.80 -1.15 -9.16
C ALA A 135 6.50 -1.99 -7.93
N ILE A 136 5.35 -2.65 -7.96
CA ILE A 136 4.98 -3.59 -6.91
C ILE A 136 4.33 -4.83 -7.50
N ASP A 137 4.34 -5.89 -6.68
CA ASP A 137 3.58 -7.09 -6.96
C ASP A 137 2.16 -6.90 -6.40
N ALA A 138 1.22 -6.64 -7.31
CA ALA A 138 -0.18 -6.42 -6.96
C ALA A 138 -1.05 -7.60 -7.41
N GLY A 139 -0.38 -8.69 -7.80
CA GLY A 139 -1.04 -9.84 -8.41
C GLY A 139 -1.57 -10.82 -7.38
N HIS A 140 -2.31 -10.26 -6.42
CA HIS A 140 -2.93 -11.05 -5.36
C HIS A 140 -4.30 -10.45 -5.06
N GLU A 141 -5.28 -11.30 -4.81
CA GLU A 141 -6.64 -10.81 -4.60
C GLU A 141 -6.72 -9.95 -3.34
N SER A 142 -5.79 -10.16 -2.39
CA SER A 142 -5.76 -9.31 -1.21
C SER A 142 -5.54 -7.85 -1.61
N PHE A 143 -4.73 -7.63 -2.66
CA PHE A 143 -4.56 -6.27 -3.17
C PHE A 143 -5.82 -5.71 -3.85
N LEU A 144 -6.50 -6.54 -4.64
CA LEU A 144 -7.74 -6.15 -5.33
C LEU A 144 -8.81 -5.73 -4.31
N PHE A 145 -8.86 -6.47 -3.20
CA PHE A 145 -9.91 -6.32 -2.18
C PHE A 145 -9.52 -5.37 -1.06
N TYR A 146 -8.33 -4.78 -1.14
CA TYR A 146 -7.87 -3.91 -0.06
C TYR A 146 -8.82 -2.74 0.24
N LYS A 147 -9.02 -2.52 1.53
CA LYS A 147 -9.94 -1.48 2.03
C LYS A 147 -9.30 -0.46 2.97
N GLU A 148 -8.59 -0.97 3.98
CA GLU A 148 -7.94 -0.15 5.01
C GLU A 148 -6.81 -0.92 5.69
N GLY A 149 -5.96 -0.20 6.39
CA GLY A 149 -4.93 -0.84 7.21
C GLY A 149 -3.61 -0.99 6.47
N ILE A 150 -2.67 -1.66 7.10
CA ILE A 150 -1.37 -1.83 6.53
C ILE A 150 -1.36 -3.14 5.70
N TYR A 151 -1.10 -3.00 4.41
CA TYR A 151 -1.18 -4.13 3.49
C TYR A 151 0.05 -5.03 3.64
N PHE A 152 -0.15 -6.30 3.97
CA PHE A 152 0.92 -7.29 4.01
C PHE A 152 0.38 -8.58 3.42
N GLU A 153 1.06 -9.08 2.40
CA GLU A 153 0.63 -10.28 1.71
C GLU A 153 1.76 -11.32 1.81
N PRO A 154 1.57 -12.41 2.58
CA PRO A 154 2.59 -13.46 2.73
C PRO A 154 3.19 -13.97 1.42
N ASP A 155 2.37 -14.00 0.36
CA ASP A 155 2.76 -14.56 -0.91
C ASP A 155 3.33 -13.53 -1.89
N CYS A 156 3.54 -12.29 -1.41
CA CYS A 156 4.06 -11.22 -2.30
C CYS A 156 5.50 -11.48 -2.72
N SER A 157 5.80 -11.15 -3.97
CA SER A 157 7.16 -11.24 -4.51
C SER A 157 7.93 -9.93 -4.30
N SER A 158 9.20 -10.04 -3.90
CA SER A 158 10.06 -8.86 -3.85
C SER A 158 10.79 -8.65 -5.18
N GLU A 159 10.64 -9.62 -6.09
CA GLU A 159 11.41 -9.65 -7.33
C GLU A 159 10.58 -9.51 -8.61
N ASP A 160 9.33 -9.97 -8.60
CA ASP A 160 8.53 -9.90 -9.80
C ASP A 160 7.31 -9.00 -9.56
N MET A 161 7.29 -7.88 -10.29
CA MET A 161 6.30 -6.84 -10.08
C MET A 161 5.43 -6.66 -11.32
N ASP A 162 4.20 -6.20 -11.12
CA ASP A 162 3.27 -6.15 -12.26
C ASP A 162 2.38 -4.92 -12.27
N HIS A 163 2.67 -3.96 -11.39
CA HIS A 163 1.83 -2.76 -11.25
C HIS A 163 2.70 -1.57 -10.83
N GLY A 164 2.49 -0.44 -11.49
CA GLY A 164 3.21 0.80 -11.24
C GLY A 164 2.27 1.71 -10.49
N VAL A 165 2.74 2.22 -9.35
CA VAL A 165 2.00 3.10 -8.44
C VAL A 165 2.93 4.23 -7.97
N LEU A 166 2.49 5.02 -6.99
CA LEU A 166 3.23 6.20 -6.62
C LEU A 166 3.29 6.32 -5.14
N VAL A 167 4.50 6.34 -4.61
CA VAL A 167 4.73 6.56 -3.18
C VAL A 167 4.71 8.04 -2.90
N VAL A 168 3.76 8.48 -2.09
CA VAL A 168 3.64 9.91 -1.71
C VAL A 168 4.06 10.25 -0.28
N GLY A 169 4.54 9.24 0.44
CA GLY A 169 5.01 9.45 1.82
C GLY A 169 5.22 8.15 2.52
N TYR A 170 5.40 8.23 3.83
CA TYR A 170 5.51 7.04 4.66
C TYR A 170 5.23 7.48 6.09
N GLY A 171 4.99 6.50 6.95
CA GLY A 171 4.66 6.76 8.35
C GLY A 171 4.80 5.52 9.23
N PHE A 172 4.21 5.59 10.42
CA PHE A 172 4.51 4.62 11.48
C PHE A 172 3.25 4.26 12.26
N GLU A 173 3.38 3.29 13.17
CA GLU A 173 2.27 2.69 13.94
C GLU A 173 1.33 3.65 14.70
N ASN A 179 7.36 -1.09 14.70
CA ASN A 179 6.90 -2.00 13.65
C ASN A 179 5.60 -1.50 13.00
N ASN A 180 5.16 -2.17 11.93
CA ASN A 180 4.00 -1.72 11.12
C ASN A 180 4.17 -0.30 10.56
N LYS A 181 5.41 0.00 10.18
CA LYS A 181 5.69 1.18 9.39
C LYS A 181 5.10 0.94 8.00
N TYR A 182 4.81 2.02 7.28
CA TYR A 182 4.19 1.91 5.96
C TYR A 182 4.63 2.93 4.95
N TRP A 183 4.53 2.55 3.68
CA TRP A 183 4.65 3.45 2.56
C TRP A 183 3.22 3.91 2.26
N LEU A 184 3.08 5.19 1.98
CA LEU A 184 1.77 5.73 1.59
C LEU A 184 1.73 5.80 0.08
N VAL A 185 0.90 4.95 -0.50
CA VAL A 185 0.88 4.71 -1.93
C VAL A 185 -0.43 5.17 -2.58
N LYS A 186 -0.27 6.00 -3.61
CA LYS A 186 -1.38 6.37 -4.51
C LYS A 186 -1.53 5.35 -5.64
N ASN A 187 -2.74 4.83 -5.78
CA ASN A 187 -3.05 3.90 -6.85
C ASN A 187 -3.85 4.66 -7.91
N SER A 188 -4.17 4.00 -9.01
CA SER A 188 -4.88 4.62 -10.15
C SER A 188 -6.16 3.85 -10.51
N TRP A 189 -6.86 3.39 -9.48
CA TRP A 189 -8.05 2.56 -9.69
C TRP A 189 -9.30 3.29 -9.23
N GLY A 190 -9.18 4.61 -9.15
CA GLY A 190 -10.27 5.46 -8.65
C GLY A 190 -10.34 5.52 -7.14
N GLU A 191 -11.12 6.48 -6.65
CA GLU A 191 -11.16 6.70 -5.19
C GLU A 191 -12.01 5.70 -4.37
N GLU A 192 -12.78 4.86 -5.04
CA GLU A 192 -13.59 3.84 -4.37
C GLU A 192 -12.77 2.63 -3.88
N TRP A 193 -11.63 2.39 -4.51
CA TRP A 193 -10.73 1.32 -4.15
C TRP A 193 -9.92 1.78 -2.93
N GLY A 194 -9.64 0.85 -2.02
CA GLY A 194 -8.79 1.11 -0.86
C GLY A 194 -9.26 2.28 -0.03
N MET A 195 -8.29 3.06 0.48
CA MET A 195 -8.50 4.18 1.41
C MET A 195 -8.55 5.47 0.56
N GLY A 196 -9.71 5.72 -0.05
CA GLY A 196 -9.91 6.81 -1.00
C GLY A 196 -8.92 6.70 -2.15
N GLY A 197 -8.56 5.47 -2.53
CA GLY A 197 -7.67 5.23 -3.68
C GLY A 197 -6.21 5.05 -3.31
N TYR A 198 -5.93 5.17 -2.03
CA TYR A 198 -4.59 5.00 -1.46
C TYR A 198 -4.51 3.67 -0.74
N VAL A 199 -3.29 3.18 -0.58
CA VAL A 199 -3.05 1.99 0.21
C VAL A 199 -1.80 2.23 1.07
N LYS A 200 -1.84 1.74 2.31
CA LYS A 200 -0.65 1.71 3.14
C LYS A 200 0.07 0.38 3.00
N MET A 201 1.23 0.38 2.35
N MET A 201 1.25 0.39 2.39
CA MET A 201 2.03 -0.82 2.11
CA MET A 201 2.00 -0.85 2.16
C MET A 201 3.09 -1.03 3.18
C MET A 201 3.14 -1.05 3.13
N ALA A 202 3.27 -2.28 3.62
CA ALA A 202 4.29 -2.62 4.63
C ALA A 202 5.68 -2.09 4.23
N LYS A 203 6.28 -1.32 5.14
CA LYS A 203 7.59 -0.69 4.97
C LYS A 203 8.60 -1.35 5.92
N ASP A 204 9.82 -1.53 5.42
CA ASP A 204 10.93 -2.16 6.15
C ASP A 204 10.63 -3.59 6.61
N ARG A 205 9.91 -4.32 5.77
CA ARG A 205 9.66 -5.75 5.96
C ARG A 205 10.22 -6.49 4.76
N ARG A 206 11.54 -6.49 4.65
CA ARG A 206 12.25 -7.16 3.56
C ARG A 206 11.72 -6.78 2.16
N ASN A 207 11.63 -5.48 1.88
CA ASN A 207 11.25 -4.98 0.56
C ASN A 207 9.96 -5.64 0.10
N HIS A 208 8.90 -5.46 0.88
CA HIS A 208 7.65 -6.18 0.71
C HIS A 208 6.97 -5.78 -0.59
N CYS A 209 6.58 -6.79 -1.34
CA CYS A 209 5.97 -6.64 -2.65
C CYS A 209 6.89 -5.97 -3.68
N GLY A 210 8.20 -5.92 -3.41
CA GLY A 210 9.18 -5.38 -4.34
C GLY A 210 9.13 -3.86 -4.51
N ILE A 211 8.63 -3.15 -3.49
CA ILE A 211 8.34 -1.72 -3.64
C ILE A 211 9.61 -0.86 -3.86
N ALA A 212 10.75 -1.38 -3.37
CA ALA A 212 12.06 -0.73 -3.57
C ALA A 212 12.87 -1.37 -4.69
N SER A 213 12.25 -2.23 -5.48
CA SER A 213 12.98 -2.96 -6.52
C SER A 213 13.15 -2.25 -7.83
N ALA A 214 12.26 -1.30 -8.12
CA ALA A 214 12.31 -0.59 -9.40
C ALA A 214 11.64 0.77 -9.18
N ALA A 215 12.18 1.52 -8.24
CA ALA A 215 11.70 2.87 -7.94
C ALA A 215 12.45 3.91 -8.77
N SER A 216 11.72 4.90 -9.27
CA SER A 216 12.37 5.92 -10.11
C SER A 216 11.62 7.25 -10.08
N TYR A 217 12.26 8.27 -10.61
CA TYR A 217 11.57 9.56 -10.77
C TYR A 217 12.21 10.33 -11.90
N PRO A 218 11.53 11.35 -12.37
CA PRO A 218 12.13 12.03 -13.50
C PRO A 218 13.09 13.14 -13.01
N THR A 219 14.09 13.43 -13.83
CA THR A 219 15.04 14.52 -13.61
C THR A 219 14.46 15.84 -14.09
N VAL A 220 14.24 16.74 -13.14
CA VAL A 220 13.60 18.03 -13.37
C VAL A 220 14.37 19.20 -12.71
N ALA B 1 28.92 27.44 -27.99
CA ALA B 1 30.15 26.84 -27.44
C ALA B 1 30.63 25.68 -28.32
N PRO B 2 31.93 25.37 -28.27
CA PRO B 2 32.36 24.19 -29.00
C PRO B 2 31.79 22.92 -28.38
N ARG B 3 31.89 21.81 -29.12
CA ARG B 3 31.39 20.49 -28.69
C ARG B 3 32.14 19.93 -27.47
N SER B 4 33.45 20.17 -27.41
CA SER B 4 34.29 19.76 -26.28
CA SER B 4 34.30 19.77 -26.29
C SER B 4 35.37 20.80 -26.04
N VAL B 5 35.82 20.91 -24.79
CA VAL B 5 36.87 21.84 -24.37
C VAL B 5 37.78 21.11 -23.36
N ASP B 6 39.09 21.33 -23.47
CA ASP B 6 40.03 20.83 -22.46
C ASP B 6 41.15 21.84 -22.31
N TRP B 7 41.02 22.67 -21.28
CA TRP B 7 41.98 23.74 -21.07
C TRP B 7 43.37 23.27 -20.67
N ARG B 8 43.50 22.02 -20.24
CA ARG B 8 44.82 21.48 -19.95
C ARG B 8 45.73 21.49 -21.18
N GLU B 9 45.15 21.25 -22.36
N GLU B 9 45.11 21.23 -22.35
CA GLU B 9 45.91 21.16 -23.59
CA GLU B 9 45.77 21.16 -23.65
C GLU B 9 46.37 22.52 -24.07
C GLU B 9 46.35 22.50 -24.05
N LYS B 10 45.74 23.58 -23.54
CA LYS B 10 46.14 24.95 -23.84
C LYS B 10 47.13 25.59 -22.82
N GLY B 11 47.59 24.84 -21.84
CA GLY B 11 48.61 25.32 -20.85
C GLY B 11 48.03 26.15 -19.72
N TYR B 12 46.72 26.06 -19.49
CA TYR B 12 46.05 26.90 -18.51
C TYR B 12 46.06 26.27 -17.13
N VAL B 13 46.52 25.01 -17.03
CA VAL B 13 46.24 24.22 -15.80
C VAL B 13 47.50 23.61 -15.24
N THR B 14 47.72 23.83 -13.94
CA THR B 14 48.84 23.22 -13.21
C THR B 14 48.52 21.75 -12.90
N PRO B 15 49.53 20.96 -12.53
CA PRO B 15 49.28 19.59 -12.07
C PRO B 15 48.33 19.49 -10.90
N VAL B 16 47.74 18.31 -10.70
CA VAL B 16 46.89 18.05 -9.57
C VAL B 16 47.66 18.23 -8.27
N LYS B 17 47.01 18.93 -7.34
CA LYS B 17 47.56 19.14 -6.00
C LYS B 17 46.81 18.31 -4.96
N ASN B 18 47.28 18.38 -3.71
CA ASN B 18 46.65 17.64 -2.63
C ASN B 18 46.50 18.53 -1.42
N GLN B 19 45.24 18.83 -1.05
CA GLN B 19 44.99 19.64 0.13
C GLN B 19 45.31 18.95 1.47
N GLY B 20 45.53 17.64 1.47
CA GLY B 20 45.86 16.93 2.69
C GLY B 20 44.71 17.01 3.67
N GLN B 21 44.99 17.06 4.96
CA GLN B 21 43.89 16.99 5.94
C GLN B 21 43.22 18.33 6.33
N CYS B 22 43.51 19.40 5.60
CA CYS B 22 43.03 20.73 5.91
C CYS B 22 41.81 21.01 5.03
N GLY B 23 40.78 21.64 5.59
CA GLY B 23 39.56 21.94 4.81
C GLY B 23 39.73 23.13 3.89
N SER B 24 40.68 23.00 2.96
CA SER B 24 41.12 24.14 2.11
C SER B 24 40.72 23.95 0.64
N CYS B 25 39.79 23.06 0.39
CA CYS B 25 39.31 22.83 -0.99
C CYS B 25 39.02 24.14 -1.77
N TRP B 26 38.34 25.09 -1.12
CA TRP B 26 37.99 26.41 -1.70
C TRP B 26 39.24 27.17 -2.20
N ALA B 27 40.35 27.00 -1.49
CA ALA B 27 41.61 27.66 -1.81
C ALA B 27 42.26 27.04 -3.05
N PHE B 28 42.17 25.72 -3.21
CA PHE B 28 42.65 25.07 -4.42
C PHE B 28 41.74 25.40 -5.60
N SER B 29 40.43 25.43 -5.36
CA SER B 29 39.56 25.86 -6.46
C SER B 29 39.90 27.29 -6.90
N ALA B 30 40.13 28.17 -5.92
CA ALA B 30 40.39 29.58 -6.27
C ALA B 30 41.74 29.74 -6.95
N THR B 31 42.78 29.09 -6.45
CA THR B 31 44.05 29.18 -7.16
C THR B 31 44.01 28.57 -8.57
N GLY B 32 43.27 27.49 -8.76
CA GLY B 32 43.13 26.92 -10.13
C GLY B 32 42.51 27.92 -11.08
N ALA B 33 41.43 28.58 -10.67
CA ALA B 33 40.79 29.57 -11.57
C ALA B 33 41.68 30.80 -11.83
N LEU B 34 42.41 31.23 -10.80
CA LEU B 34 43.31 32.37 -10.99
C LEU B 34 44.54 32.01 -11.82
N GLU B 35 45.06 30.79 -11.63
CA GLU B 35 46.12 30.27 -12.51
C GLU B 35 45.69 30.34 -13.97
N GLY B 36 44.46 29.92 -14.25
CA GLY B 36 43.95 29.96 -15.62
C GLY B 36 43.86 31.38 -16.14
N GLN B 37 43.32 32.30 -15.33
CA GLN B 37 43.11 33.68 -15.80
C GLN B 37 44.41 34.41 -15.95
N MET B 38 45.34 34.17 -15.00
CA MET B 38 46.68 34.72 -15.19
C MET B 38 47.38 34.26 -16.46
N PHE B 39 47.26 32.97 -16.79
CA PHE B 39 47.82 32.45 -18.03
C PHE B 39 47.19 33.15 -19.24
N ARG B 40 45.88 33.32 -19.15
CA ARG B 40 45.14 33.97 -20.25
C ARG B 40 45.72 35.36 -20.49
N LYS B 41 45.99 36.07 -19.40
CA LYS B 41 46.49 37.44 -19.49
C LYS B 41 47.96 37.57 -19.91
N THR B 42 48.82 36.68 -19.43
CA THR B 42 50.29 36.85 -19.57
C THR B 42 50.98 35.78 -20.40
N GLY B 43 50.26 34.68 -20.65
CA GLY B 43 50.81 33.53 -21.37
C GLY B 43 51.80 32.75 -20.53
N ARG B 44 51.91 33.04 -19.23
CA ARG B 44 52.76 32.27 -18.34
C ARG B 44 51.92 31.58 -17.24
N LEU B 45 52.16 30.27 -17.04
CA LEU B 45 51.47 29.53 -15.99
C LEU B 45 52.35 29.47 -14.74
N ILE B 46 51.89 30.02 -13.60
CA ILE B 46 52.65 30.04 -12.36
C ILE B 46 51.74 29.52 -11.26
N SER B 47 52.13 28.40 -10.70
CA SER B 47 51.39 27.80 -9.58
C SER B 47 51.25 28.78 -8.42
N LEU B 48 50.03 28.94 -7.90
CA LEU B 48 49.76 29.95 -6.84
C LEU B 48 49.59 29.34 -5.46
N SER B 49 49.74 30.18 -4.44
CA SER B 49 49.80 29.75 -3.04
C SER B 49 48.44 29.59 -2.38
N GLU B 50 48.03 28.36 -2.15
CA GLU B 50 46.84 28.12 -1.36
C GLU B 50 47.06 28.47 0.10
N GLN B 51 48.28 28.25 0.59
CA GLN B 51 48.55 28.58 1.98
C GLN B 51 48.34 30.08 2.24
N ASN B 52 48.75 30.91 1.28
CA ASN B 52 48.49 32.36 1.34
C ASN B 52 47.00 32.66 1.53
N LEU B 53 46.15 31.95 0.77
CA LEU B 53 44.70 32.13 0.95
C LEU B 53 44.21 31.63 2.31
N VAL B 54 44.63 30.43 2.72
CA VAL B 54 44.27 29.88 4.03
C VAL B 54 44.64 30.78 5.21
N ASP B 55 45.85 31.35 5.19
CA ASP B 55 46.36 32.11 6.34
C ASP B 55 45.78 33.50 6.38
N CYS B 56 45.41 34.05 5.20
CA CYS B 56 45.24 35.52 5.07
C CYS B 56 43.85 36.04 4.73
N SER B 57 42.99 35.19 4.18
CA SER B 57 41.66 35.63 3.70
C SER B 57 40.50 35.58 4.72
N GLY B 58 40.80 35.47 6.01
CA GLY B 58 39.75 35.53 7.05
C GLY B 58 38.94 36.83 7.04
N PRO B 59 39.60 37.98 6.78
CA PRO B 59 38.83 39.25 6.81
C PRO B 59 37.74 39.31 5.71
N GLN B 60 37.96 38.58 4.64
CA GLN B 60 36.95 38.45 3.56
C GLN B 60 35.85 37.43 3.89
N GLY B 61 36.03 36.64 4.95
CA GLY B 61 34.99 35.70 5.43
C GLY B 61 35.39 34.25 5.45
N ASN B 62 36.61 33.94 4.98
CA ASN B 62 37.09 32.57 4.98
C ASN B 62 37.47 32.02 6.34
N GLU B 63 37.45 30.69 6.47
CA GLU B 63 37.70 30.07 7.76
C GLU B 63 38.89 29.10 7.73
N GLY B 64 39.89 29.42 6.92
CA GLY B 64 41.15 28.63 6.91
C GLY B 64 40.90 27.16 6.61
N CYS B 65 41.44 26.28 7.45
CA CYS B 65 41.22 24.83 7.33
C CYS B 65 39.83 24.34 7.74
N ASN B 66 38.93 25.26 8.05
CA ASN B 66 37.52 24.90 8.32
CA ASN B 66 37.52 24.97 8.37
C ASN B 66 36.57 25.35 7.23
N GLY B 67 37.11 25.68 6.05
CA GLY B 67 36.21 25.95 4.94
C GLY B 67 36.25 27.39 4.49
N GLY B 68 35.58 27.68 3.39
CA GLY B 68 35.65 29.00 2.79
C GLY B 68 34.96 29.01 1.43
N LEU B 69 34.93 30.19 0.81
CA LEU B 69 34.34 30.36 -0.49
C LEU B 69 35.38 30.86 -1.46
N MET B 70 35.31 30.37 -2.68
CA MET B 70 36.16 30.88 -3.72
C MET B 70 35.99 32.39 -3.97
N ASP B 71 34.75 32.89 -3.90
CA ASP B 71 34.50 34.31 -4.09
C ASP B 71 35.20 35.16 -3.02
N TYR B 72 35.21 34.69 -1.78
CA TYR B 72 35.95 35.36 -0.69
C TYR B 72 37.45 35.42 -1.00
N ALA B 73 37.98 34.31 -1.53
CA ALA B 73 39.38 34.25 -1.99
C ALA B 73 39.69 35.27 -3.10
N PHE B 74 38.83 35.33 -4.12
CA PHE B 74 39.00 36.35 -5.17
C PHE B 74 38.91 37.78 -4.59
N GLN B 75 38.03 37.97 -3.61
CA GLN B 75 37.93 39.26 -2.96
C GLN B 75 39.22 39.61 -2.22
N TYR B 76 39.79 38.62 -1.54
CA TYR B 76 41.07 38.80 -0.82
C TYR B 76 42.17 39.29 -1.77
N VAL B 77 42.30 38.64 -2.90
CA VAL B 77 43.33 38.99 -3.87
C VAL B 77 43.17 40.43 -4.35
N GLN B 78 41.94 40.83 -4.62
CA GLN B 78 41.64 42.24 -4.97
C GLN B 78 41.99 43.23 -3.83
N ASP B 79 41.52 42.95 -2.62
CA ASP B 79 41.70 43.82 -1.46
C ASP B 79 43.17 43.90 -1.14
N ASN B 80 43.84 42.77 -1.23
CA ASN B 80 45.23 42.63 -0.83
C ASN B 80 46.20 43.19 -1.87
N GLY B 81 45.80 43.26 -3.14
CA GLY B 81 46.68 43.75 -4.17
C GLY B 81 47.63 42.68 -4.68
N GLY B 82 47.36 41.42 -4.36
CA GLY B 82 48.23 40.36 -4.86
C GLY B 82 48.05 39.01 -4.25
N LEU B 83 48.80 38.03 -4.76
CA LEU B 83 48.83 36.67 -4.20
C LEU B 83 50.19 36.04 -4.54
N ASP B 84 50.84 35.46 -3.53
CA ASP B 84 52.18 34.90 -3.71
C ASP B 84 52.16 33.60 -4.48
N SER B 85 53.30 33.28 -5.11
CA SER B 85 53.48 32.00 -5.82
C SER B 85 53.46 30.83 -4.83
N GLU B 86 53.08 29.65 -5.32
CA GLU B 86 53.26 28.40 -4.61
C GLU B 86 54.73 28.21 -4.17
N GLU B 87 55.68 28.53 -5.06
CA GLU B 87 57.10 28.35 -4.76
C GLU B 87 57.51 29.18 -3.53
N SER B 88 57.02 30.42 -3.47
CA SER B 88 57.47 31.38 -2.44
C SER B 88 56.73 31.21 -1.11
N TYR B 89 55.55 30.59 -1.14
CA TYR B 89 54.68 30.49 0.05
C TYR B 89 54.06 29.07 0.01
N PRO B 90 54.87 28.06 0.33
CA PRO B 90 54.49 26.65 0.10
C PRO B 90 53.31 26.16 0.96
N TYR B 91 52.64 25.11 0.49
CA TYR B 91 51.47 24.62 1.20
C TYR B 91 51.89 23.75 2.42
N GLU B 92 51.31 24.06 3.58
CA GLU B 92 51.58 23.33 4.81
C GLU B 92 50.41 22.51 5.39
N ALA B 93 49.20 22.73 4.89
CA ALA B 93 48.03 21.97 5.30
C ALA B 93 47.62 22.14 6.76
N THR B 94 47.88 23.32 7.31
CA THR B 94 47.43 23.71 8.65
C THR B 94 47.37 25.25 8.70
N GLU B 95 46.54 25.82 9.56
CA GLU B 95 46.45 27.29 9.65
C GLU B 95 47.67 27.85 10.41
N GLU B 96 48.20 28.97 9.93
CA GLU B 96 49.26 29.66 10.63
C GLU B 96 49.03 31.13 10.30
N SER B 97 49.85 32.01 10.86
CA SER B 97 49.64 33.44 10.63
C SER B 97 49.96 33.86 9.20
N CYS B 98 49.43 35.00 8.82
CA CYS B 98 49.60 35.51 7.46
C CYS B 98 51.03 35.95 7.23
N LYS B 99 51.67 35.45 6.16
CA LYS B 99 53.01 35.90 5.81
C LYS B 99 53.11 36.31 4.33
N TYR B 100 52.02 36.86 3.81
CA TYR B 100 52.03 37.48 2.49
C TYR B 100 53.19 38.46 2.31
N ASN B 101 53.90 38.34 1.18
CA ASN B 101 55.04 39.22 0.87
C ASN B 101 54.82 39.73 -0.55
N PRO B 102 54.52 41.05 -0.71
CA PRO B 102 54.18 41.53 -2.06
C PRO B 102 55.34 41.39 -3.05
N LYS B 103 56.55 41.20 -2.53
CA LYS B 103 57.73 41.01 -3.37
C LYS B 103 57.61 39.73 -4.20
N TYR B 104 56.82 38.80 -3.68
CA TYR B 104 56.66 37.48 -4.28
C TYR B 104 55.30 37.27 -4.94
N SER B 105 54.53 38.35 -5.05
CA SER B 105 53.21 38.25 -5.67
C SER B 105 53.33 38.04 -7.14
N VAL B 106 52.59 37.08 -7.67
CA VAL B 106 52.62 36.83 -9.11
C VAL B 106 51.25 36.90 -9.77
N ALA B 107 50.24 37.34 -9.04
CA ALA B 107 48.85 37.35 -9.51
C ALA B 107 48.08 38.50 -8.88
N ASN B 108 47.04 38.94 -9.58
CA ASN B 108 46.16 40.02 -9.15
CA ASN B 108 46.12 39.91 -9.03
C ASN B 108 44.78 39.75 -9.70
N ASP B 109 43.75 40.30 -9.06
CA ASP B 109 42.42 40.36 -9.66
C ASP B 109 41.63 41.62 -9.32
N ALA B 110 40.60 41.89 -10.11
CA ALA B 110 39.77 43.07 -9.88
C ALA B 110 38.34 42.70 -9.51
N GLY B 111 38.21 41.61 -8.77
CA GLY B 111 36.92 41.07 -8.34
C GLY B 111 36.65 39.78 -9.08
N PHE B 112 35.37 39.50 -9.27
CA PHE B 112 34.97 38.19 -9.78
C PHE B 112 33.62 38.28 -10.43
N VAL B 113 33.27 37.23 -11.14
CA VAL B 113 31.98 37.13 -11.83
C VAL B 113 31.30 35.87 -11.37
N ASP B 114 30.07 36.02 -10.88
CA ASP B 114 29.20 34.88 -10.57
C ASP B 114 28.41 34.52 -11.82
N ILE B 115 28.57 33.27 -12.25
CA ILE B 115 27.86 32.77 -13.44
C ILE B 115 26.39 32.42 -13.13
N PRO B 116 25.46 32.79 -14.05
CA PRO B 116 24.08 32.38 -13.79
C PRO B 116 23.93 30.88 -13.55
N LYS B 117 22.94 30.51 -12.73
CA LYS B 117 22.85 29.18 -12.11
C LYS B 117 22.21 28.12 -13.00
N GLN B 118 22.78 27.92 -14.18
CA GLN B 118 22.39 26.79 -15.01
C GLN B 118 23.50 26.45 -15.97
N GLU B 119 23.41 25.26 -16.56
CA GLU B 119 24.53 24.65 -17.21
C GLU B 119 24.84 25.19 -18.61
N LYS B 120 23.85 25.82 -19.24
CA LYS B 120 24.08 26.50 -20.50
C LYS B 120 25.07 27.67 -20.29
N ALA B 121 24.89 28.39 -19.17
CA ALA B 121 25.72 29.54 -18.85
C ALA B 121 27.08 29.04 -18.38
N LEU B 122 27.09 27.94 -17.61
CA LEU B 122 28.36 27.39 -17.18
C LEU B 122 29.16 26.96 -18.43
N MET B 123 28.50 26.32 -19.39
CA MET B 123 29.19 25.95 -20.63
C MET B 123 29.78 27.16 -21.35
N LYS B 124 28.97 28.21 -21.52
CA LYS B 124 29.41 29.44 -22.21
C LYS B 124 30.67 29.95 -21.53
N ALA B 125 30.68 29.94 -20.20
CA ALA B 125 31.79 30.48 -19.45
C ALA B 125 33.04 29.61 -19.60
N VAL B 126 32.86 28.30 -19.49
CA VAL B 126 34.03 27.41 -19.64
C VAL B 126 34.64 27.57 -21.00
N ALA B 127 33.80 27.66 -22.03
CA ALA B 127 34.29 27.77 -23.39
C ALA B 127 34.96 29.12 -23.70
N THR B 128 34.47 30.21 -23.11
CA THR B 128 35.00 31.53 -23.48
C THR B 128 35.96 32.19 -22.46
N VAL B 129 36.03 31.63 -21.25
CA VAL B 129 36.79 32.24 -20.17
C VAL B 129 38.04 31.45 -19.82
N GLY B 130 37.86 30.16 -19.56
CA GLY B 130 38.94 29.35 -19.01
C GLY B 130 38.35 28.48 -17.94
N PRO B 131 39.22 27.76 -17.19
CA PRO B 131 38.81 27.00 -16.01
C PRO B 131 37.96 27.84 -15.04
N ILE B 132 36.93 27.22 -14.44
CA ILE B 132 35.96 27.92 -13.64
C ILE B 132 35.84 27.26 -12.26
N SER B 133 35.87 28.06 -11.21
CA SER B 133 35.61 27.55 -9.85
C SER B 133 34.14 27.17 -9.65
N VAL B 134 33.91 25.98 -9.09
CA VAL B 134 32.54 25.49 -8.90
C VAL B 134 32.41 24.79 -7.55
N ALA B 135 31.18 24.80 -7.05
CA ALA B 135 30.79 24.10 -5.85
C ALA B 135 30.07 22.81 -6.25
N ILE B 136 30.40 21.71 -5.59
CA ILE B 136 29.68 20.44 -5.81
C ILE B 136 29.29 19.77 -4.50
N ASP B 137 28.28 18.93 -4.59
CA ASP B 137 27.96 17.97 -3.54
C ASP B 137 28.83 16.78 -3.75
N ALA B 138 29.88 16.70 -2.93
CA ALA B 138 30.85 15.62 -2.94
C ALA B 138 30.63 14.63 -1.79
N GLY B 139 29.51 14.79 -1.08
CA GLY B 139 29.25 14.10 0.19
C GLY B 139 28.74 12.68 0.02
N HIS B 140 29.38 11.91 -0.85
CA HIS B 140 28.96 10.53 -1.05
C HIS B 140 30.13 9.62 -1.20
N GLU B 141 29.96 8.38 -0.78
CA GLU B 141 31.08 7.48 -0.84
C GLU B 141 31.39 7.12 -2.31
N SER B 142 30.37 7.18 -3.16
CA SER B 142 30.58 7.02 -4.61
C SER B 142 31.61 8.00 -5.14
N PHE B 143 31.63 9.20 -4.58
CA PHE B 143 32.58 10.24 -5.02
C PHE B 143 33.99 9.90 -4.51
N LEU B 144 34.06 9.48 -3.25
CA LEU B 144 35.34 9.04 -2.69
C LEU B 144 36.02 7.91 -3.50
N PHE B 145 35.20 6.95 -3.93
CA PHE B 145 35.71 5.74 -4.59
C PHE B 145 35.71 5.85 -6.10
N TYR B 146 35.35 7.01 -6.63
CA TYR B 146 35.32 7.22 -8.09
C TYR B 146 36.64 6.80 -8.79
N LYS B 147 36.54 6.00 -9.86
CA LYS B 147 37.70 5.55 -10.65
C LYS B 147 37.69 6.14 -12.07
N GLU B 148 36.60 5.89 -12.79
CA GLU B 148 36.53 6.27 -14.22
C GLU B 148 35.09 6.53 -14.60
N GLY B 149 34.88 7.05 -15.80
CA GLY B 149 33.52 7.23 -16.31
C GLY B 149 32.85 8.51 -15.90
N ILE B 150 31.56 8.62 -16.20
CA ILE B 150 30.88 9.86 -15.92
C ILE B 150 30.10 9.69 -14.63
N TYR B 151 30.51 10.47 -13.64
CA TYR B 151 29.94 10.38 -12.29
C TYR B 151 28.47 10.83 -12.26
N PHE B 152 27.59 9.93 -11.84
CA PHE B 152 26.19 10.24 -11.59
C PHE B 152 25.79 9.57 -10.30
N GLU B 153 25.32 10.37 -9.36
CA GLU B 153 24.94 9.88 -8.03
C GLU B 153 23.46 10.22 -7.79
N PRO B 154 22.58 9.21 -7.68
CA PRO B 154 21.16 9.50 -7.47
C PRO B 154 20.82 10.40 -6.28
N ASP B 155 21.63 10.33 -5.22
CA ASP B 155 21.36 11.11 -4.03
C ASP B 155 22.10 12.47 -4.00
N CYS B 156 22.64 12.89 -5.15
CA CYS B 156 23.26 14.21 -5.25
C CYS B 156 22.28 15.35 -5.18
N SER B 157 22.68 16.40 -4.48
CA SER B 157 21.89 17.61 -4.32
C SER B 157 22.40 18.76 -5.17
N SER B 158 21.46 19.57 -5.62
CA SER B 158 21.80 20.74 -6.42
CA SER B 158 21.83 20.74 -6.41
C SER B 158 21.89 21.96 -5.54
N GLU B 159 21.65 21.79 -4.23
CA GLU B 159 21.61 22.89 -3.24
C GLU B 159 22.59 22.76 -2.07
N ASP B 160 22.94 21.55 -1.65
N ASP B 160 22.79 21.52 -1.61
CA ASP B 160 23.78 21.39 -0.47
CA ASP B 160 23.78 21.17 -0.61
C ASP B 160 25.27 21.08 -0.74
C ASP B 160 25.10 20.92 -1.28
N MET B 161 25.86 21.84 -1.67
N MET B 161 25.91 21.96 -1.48
CA MET B 161 27.25 21.63 -2.05
CA MET B 161 27.26 21.74 -1.99
C MET B 161 28.16 21.76 -0.82
C MET B 161 28.24 21.86 -0.84
N ASP B 162 29.26 21.01 -0.82
CA ASP B 162 30.18 20.99 0.29
C ASP B 162 31.62 20.94 -0.14
N HIS B 163 31.90 21.16 -1.42
CA HIS B 163 33.27 21.00 -1.90
C HIS B 163 33.53 21.90 -3.10
N GLY B 164 34.63 22.66 -3.08
CA GLY B 164 35.01 23.55 -4.20
C GLY B 164 36.02 22.85 -5.07
N VAL B 165 35.76 22.79 -6.38
CA VAL B 165 36.61 22.18 -7.39
C VAL B 165 36.72 23.07 -8.65
N LEU B 166 37.27 22.55 -9.76
CA LEU B 166 37.57 23.41 -10.89
C LEU B 166 37.16 22.71 -12.17
N VAL B 167 36.31 23.36 -12.96
CA VAL B 167 35.90 22.77 -14.23
C VAL B 167 36.95 23.21 -15.21
N VAL B 168 37.64 22.25 -15.83
CA VAL B 168 38.64 22.60 -16.82
C VAL B 168 38.23 22.29 -18.26
N GLY B 169 36.99 21.86 -18.44
CA GLY B 169 36.47 21.52 -19.74
C GLY B 169 35.19 20.70 -19.70
N TYR B 170 34.79 20.20 -20.86
CA TYR B 170 33.58 19.38 -20.98
C TYR B 170 33.66 18.59 -22.27
N GLY B 171 32.80 17.59 -22.38
CA GLY B 171 32.66 16.90 -23.66
C GLY B 171 31.64 15.78 -23.59
N PHE B 172 31.85 14.74 -24.39
CA PHE B 172 30.94 13.60 -24.44
C PHE B 172 31.71 12.30 -24.73
N GLU B 173 31.16 11.17 -24.28
CA GLU B 173 31.67 9.83 -24.65
C GLU B 173 30.57 9.11 -25.43
N SER B 174 30.89 7.99 -26.09
CA SER B 174 29.93 7.23 -26.94
C SER B 174 29.54 8.04 -28.15
N THR B 175 28.60 7.52 -28.93
CA THR B 175 27.99 8.27 -30.04
C THR B 175 27.35 9.51 -29.47
N GLU B 176 27.61 10.63 -30.13
CA GLU B 176 27.11 11.93 -29.71
C GLU B 176 25.59 12.00 -29.48
N SER B 177 24.81 11.26 -30.25
CA SER B 177 23.35 11.34 -30.08
C SER B 177 22.83 10.65 -28.81
N ASP B 178 23.72 9.95 -28.08
CA ASP B 178 23.36 9.37 -26.80
C ASP B 178 23.36 10.38 -25.66
N ASN B 179 23.86 11.58 -25.94
CA ASN B 179 23.86 12.65 -24.94
C ASN B 179 24.57 12.26 -23.64
N ASN B 180 25.68 11.56 -23.79
CA ASN B 180 26.43 11.03 -22.67
C ASN B 180 27.55 12.04 -22.37
N LYS B 181 27.17 13.13 -21.69
CA LYS B 181 27.94 14.36 -21.65
C LYS B 181 28.50 14.55 -20.25
N TYR B 182 29.66 15.20 -20.13
CA TYR B 182 30.28 15.39 -18.81
C TYR B 182 31.00 16.72 -18.72
N TRP B 183 31.16 17.16 -17.47
CA TRP B 183 32.11 18.21 -17.11
C TRP B 183 33.43 17.59 -16.72
N LEU B 184 34.54 18.17 -17.21
CA LEU B 184 35.88 17.72 -16.78
C LEU B 184 36.35 18.53 -15.58
N VAL B 185 36.48 17.83 -14.46
CA VAL B 185 36.75 18.49 -13.17
C VAL B 185 38.08 18.10 -12.53
N LYS B 186 38.86 19.12 -12.20
CA LYS B 186 40.09 18.94 -11.40
C LYS B 186 39.77 18.98 -9.90
N ASN B 187 40.22 17.95 -9.15
CA ASN B 187 40.01 17.92 -7.71
C ASN B 187 41.35 18.24 -7.08
N SER B 188 41.37 18.31 -5.73
CA SER B 188 42.58 18.63 -5.01
C SER B 188 42.85 17.58 -3.93
N TRP B 189 42.63 16.32 -4.29
CA TRP B 189 42.85 15.19 -3.40
C TRP B 189 43.99 14.31 -3.91
N GLY B 190 44.88 14.90 -4.70
CA GLY B 190 46.05 14.15 -5.19
C GLY B 190 45.73 13.35 -6.44
N GLU B 191 46.76 12.91 -7.16
CA GLU B 191 46.55 12.21 -8.43
C GLU B 191 46.12 10.75 -8.22
N GLU B 192 46.21 10.25 -6.99
CA GLU B 192 45.76 8.87 -6.70
C GLU B 192 44.24 8.69 -6.60
N TRP B 193 43.52 9.80 -6.39
CA TRP B 193 42.07 9.82 -6.35
C TRP B 193 41.58 9.84 -7.79
N GLY B 194 40.50 9.11 -8.05
CA GLY B 194 39.82 9.25 -9.36
C GLY B 194 40.69 8.96 -10.57
N MET B 195 40.47 9.71 -11.65
N MET B 195 40.47 9.74 -11.65
CA MET B 195 41.25 9.50 -12.87
CA MET B 195 41.21 9.61 -12.91
C MET B 195 42.40 10.50 -12.86
C MET B 195 42.42 10.54 -12.86
N GLY B 196 43.51 10.11 -12.23
CA GLY B 196 44.67 10.99 -12.10
C GLY B 196 44.27 12.29 -11.38
N GLY B 197 43.30 12.21 -10.47
CA GLY B 197 42.91 13.39 -9.71
C GLY B 197 41.77 14.17 -10.31
N TYR B 198 41.30 13.72 -11.47
CA TYR B 198 40.20 14.32 -12.21
C TYR B 198 38.97 13.44 -12.13
N VAL B 199 37.81 14.07 -12.30
CA VAL B 199 36.51 13.37 -12.39
C VAL B 199 35.70 13.93 -13.56
N LYS B 200 35.05 13.05 -14.32
CA LYS B 200 34.06 13.48 -15.29
C LYS B 200 32.72 13.49 -14.59
N MET B 201 32.06 14.65 -14.56
N MET B 201 32.08 14.66 -14.55
CA MET B 201 30.83 14.76 -13.80
CA MET B 201 30.84 14.84 -13.78
C MET B 201 29.64 14.98 -14.68
C MET B 201 29.66 14.93 -14.71
N ALA B 202 28.53 14.37 -14.30
CA ALA B 202 27.30 14.43 -15.13
C ALA B 202 26.91 15.85 -15.64
N LYS B 203 26.75 16.00 -16.96
CA LYS B 203 26.43 17.27 -17.61
C LYS B 203 25.08 17.24 -18.30
N ASP B 204 24.34 18.33 -18.09
CA ASP B 204 23.04 18.55 -18.76
C ASP B 204 21.97 17.60 -18.24
N ARG B 205 22.04 17.34 -16.94
CA ARG B 205 21.06 16.54 -16.20
C ARG B 205 20.49 17.43 -15.09
N ARG B 206 20.09 18.65 -15.46
CA ARG B 206 19.50 19.61 -14.51
C ARG B 206 20.39 19.88 -13.30
N ASN B 207 21.63 20.25 -13.60
CA ASN B 207 22.55 20.78 -12.58
C ASN B 207 22.88 19.68 -11.56
N HIS B 208 23.31 18.52 -12.06
CA HIS B 208 23.56 17.39 -11.17
C HIS B 208 24.67 17.74 -10.19
N CYS B 209 24.49 17.38 -8.92
CA CYS B 209 25.42 17.72 -7.83
C CYS B 209 25.66 19.21 -7.65
N GLY B 210 24.85 20.07 -8.26
CA GLY B 210 24.96 21.50 -7.95
C GLY B 210 26.09 22.24 -8.65
N ILE B 211 26.68 21.62 -9.67
CA ILE B 211 27.88 22.14 -10.33
C ILE B 211 27.72 23.52 -10.96
N ALA B 212 26.49 23.88 -11.33
CA ALA B 212 26.19 25.22 -11.86
C ALA B 212 25.54 26.15 -10.84
N SER B 213 25.43 25.70 -9.57
CA SER B 213 24.85 26.51 -8.49
C SER B 213 25.70 27.66 -7.91
N ALA B 214 27.02 27.54 -8.01
CA ALA B 214 27.91 28.55 -7.41
C ALA B 214 29.22 28.57 -8.19
N ALA B 215 29.07 28.81 -9.49
CA ALA B 215 30.19 28.88 -10.39
C ALA B 215 30.66 30.33 -10.52
N SER B 216 31.97 30.49 -10.58
CA SER B 216 32.56 31.83 -10.65
C SER B 216 34.00 31.82 -11.08
N TYR B 217 34.47 33.00 -11.48
CA TYR B 217 35.87 33.16 -11.88
C TYR B 217 36.37 34.56 -11.56
N PRO B 218 37.69 34.71 -11.44
CA PRO B 218 38.17 36.05 -11.11
C PRO B 218 38.35 36.88 -12.38
N THR B 219 38.19 38.18 -12.17
N THR B 219 38.25 38.19 -12.23
CA THR B 219 38.33 39.21 -13.17
CA THR B 219 38.51 39.06 -13.35
C THR B 219 39.78 39.69 -13.19
C THR B 219 39.92 39.63 -13.20
N VAL B 220 40.54 39.23 -14.17
N VAL B 220 40.68 39.68 -14.29
CA VAL B 220 41.95 39.56 -14.28
CA VAL B 220 42.09 40.12 -14.18
C VAL B 220 42.27 40.54 -15.42
C VAL B 220 42.47 41.25 -15.13
N ALA C 1 -45.02 -14.25 -0.90
CA ALA C 1 -43.68 -14.40 -0.29
C ALA C 1 -43.36 -13.23 0.67
N PRO C 2 -42.53 -13.48 1.71
CA PRO C 2 -42.11 -12.44 2.65
C PRO C 2 -41.35 -11.32 1.97
N ARG C 3 -41.36 -10.12 2.60
CA ARG C 3 -40.60 -8.98 2.13
C ARG C 3 -39.09 -9.21 2.35
N SER C 4 -38.76 -10.00 3.39
CA SER C 4 -37.36 -10.26 3.82
C SER C 4 -37.15 -11.71 4.29
N VAL C 5 -36.14 -12.36 3.72
CA VAL C 5 -35.73 -13.73 4.10
C VAL C 5 -34.20 -13.80 4.33
N ASP C 6 -33.75 -14.55 5.34
CA ASP C 6 -32.29 -14.73 5.59
C ASP C 6 -32.01 -16.11 6.20
N TRP C 7 -31.61 -17.06 5.37
CA TRP C 7 -31.45 -18.45 5.85
C TRP C 7 -30.27 -18.63 6.80
N ARG C 8 -29.37 -17.65 6.83
CA ARG C 8 -28.25 -17.72 7.74
C ARG C 8 -28.73 -17.70 9.19
N GLU C 9 -29.79 -16.94 9.46
CA GLU C 9 -30.41 -16.89 10.79
C GLU C 9 -30.98 -18.23 11.22
N LYS C 10 -31.31 -19.08 10.24
CA LYS C 10 -31.91 -20.39 10.53
C LYS C 10 -30.92 -21.56 10.57
N GLY C 11 -29.63 -21.29 10.43
CA GLY C 11 -28.63 -22.35 10.50
C GLY C 11 -28.37 -23.15 9.22
N TYR C 12 -28.78 -22.62 8.07
CA TYR C 12 -28.66 -23.29 6.75
C TYR C 12 -27.34 -23.09 6.02
N VAL C 13 -26.48 -22.20 6.52
CA VAL C 13 -25.35 -21.66 5.74
C VAL C 13 -24.01 -21.71 6.51
N THR C 14 -23.00 -22.33 5.92
CA THR C 14 -21.67 -22.39 6.51
C THR C 14 -20.97 -21.04 6.33
N PRO C 15 -19.82 -20.86 7.00
CA PRO C 15 -19.05 -19.61 6.82
C PRO C 15 -18.61 -19.42 5.36
N VAL C 16 -18.25 -18.20 5.03
CA VAL C 16 -17.73 -17.87 3.71
C VAL C 16 -16.44 -18.59 3.40
N LYS C 17 -16.36 -19.13 2.20
CA LYS C 17 -15.20 -19.90 1.77
C LYS C 17 -14.43 -19.09 0.74
N ASN C 18 -13.24 -19.57 0.42
CA ASN C 18 -12.39 -18.94 -0.56
C ASN C 18 -11.88 -19.96 -1.57
N GLN C 19 -12.33 -19.80 -2.80
CA GLN C 19 -11.98 -20.67 -3.93
C GLN C 19 -10.54 -20.55 -4.49
N GLY C 20 -9.80 -19.55 -4.01
CA GLY C 20 -8.44 -19.28 -4.50
C GLY C 20 -8.42 -19.02 -6.01
N GLN C 21 -7.32 -19.41 -6.66
CA GLN C 21 -7.15 -19.17 -8.11
C GLN C 21 -7.94 -20.14 -8.97
N CYS C 22 -8.37 -21.25 -8.39
CA CYS C 22 -9.05 -22.29 -9.17
C CYS C 22 -10.45 -21.81 -9.61
N GLY C 23 -10.77 -22.02 -10.88
CA GLY C 23 -12.09 -21.71 -11.42
C GLY C 23 -13.17 -22.67 -10.95
N SER C 24 -13.36 -22.67 -9.64
CA SER C 24 -14.21 -23.65 -8.97
C SER C 24 -15.47 -23.05 -8.37
N CYS C 25 -15.79 -21.79 -8.71
CA CYS C 25 -17.02 -21.15 -8.21
C CYS C 25 -18.28 -22.04 -8.23
N TRP C 26 -18.52 -22.76 -9.33
CA TRP C 26 -19.70 -23.64 -9.50
C TRP C 26 -19.80 -24.72 -8.42
N ALA C 27 -18.64 -25.22 -7.97
CA ALA C 27 -18.57 -26.22 -6.91
C ALA C 27 -18.90 -25.63 -5.57
N PHE C 28 -18.48 -24.37 -5.32
CA PHE C 28 -18.83 -23.69 -4.08
C PHE C 28 -20.33 -23.34 -4.04
N SER C 29 -20.90 -22.96 -5.19
CA SER C 29 -22.34 -22.74 -5.31
C SER C 29 -23.07 -24.06 -5.03
N ALA C 30 -22.59 -25.12 -5.67
CA ALA C 30 -23.20 -26.44 -5.51
C ALA C 30 -23.19 -26.89 -4.06
N THR C 31 -22.02 -26.88 -3.43
CA THR C 31 -21.92 -27.27 -2.01
C THR C 31 -22.80 -26.40 -1.13
N GLY C 32 -22.84 -25.09 -1.36
CA GLY C 32 -23.66 -24.24 -0.48
C GLY C 32 -25.14 -24.60 -0.55
N ALA C 33 -25.66 -24.83 -1.76
CA ALA C 33 -27.05 -25.27 -1.94
C ALA C 33 -27.31 -26.64 -1.33
N LEU C 34 -26.37 -27.58 -1.49
CA LEU C 34 -26.54 -28.90 -0.92
C LEU C 34 -26.39 -28.90 0.62
N GLU C 35 -25.58 -27.97 1.13
CA GLU C 35 -25.40 -27.82 2.58
C GLU C 35 -26.70 -27.38 3.21
N GLY C 36 -27.39 -26.45 2.53
CA GLY C 36 -28.69 -25.97 2.94
C GLY C 36 -29.74 -27.07 2.91
N GLN C 37 -29.73 -27.89 1.86
CA GLN C 37 -30.77 -28.93 1.76
C GLN C 37 -30.51 -30.13 2.67
N MET C 38 -29.24 -30.47 2.90
CA MET C 38 -28.93 -31.48 3.90
C MET C 38 -29.36 -30.99 5.29
N PHE C 39 -29.13 -29.71 5.58
CA PHE C 39 -29.52 -29.18 6.90
C PHE C 39 -31.03 -29.26 7.07
N ARG C 40 -31.75 -28.89 6.00
CA ARG C 40 -33.21 -28.99 5.98
C ARG C 40 -33.65 -30.41 6.33
N LYS C 41 -33.04 -31.42 5.73
CA LYS C 41 -33.43 -32.82 6.00
C LYS C 41 -33.02 -33.36 7.39
N THR C 42 -31.78 -33.14 7.78
CA THR C 42 -31.19 -33.78 8.96
C THR C 42 -31.04 -32.87 10.18
N GLY C 43 -31.18 -31.56 10.00
CA GLY C 43 -30.92 -30.60 11.06
C GLY C 43 -29.46 -30.43 11.44
N ARG C 44 -28.54 -31.01 10.68
CA ARG C 44 -27.10 -30.80 10.91
CA ARG C 44 -27.10 -30.81 10.90
C ARG C 44 -26.46 -30.16 9.68
N LEU C 45 -25.62 -29.15 9.95
CA LEU C 45 -24.92 -28.38 8.95
C LEU C 45 -23.51 -28.94 8.89
N ILE C 46 -23.09 -29.42 7.73
CA ILE C 46 -21.77 -30.04 7.54
C ILE C 46 -21.21 -29.44 6.27
N SER C 47 -20.03 -28.84 6.37
CA SER C 47 -19.36 -28.28 5.20
C SER C 47 -18.96 -29.40 4.26
N LEU C 48 -19.21 -29.20 2.98
CA LEU C 48 -19.01 -30.23 1.94
C LEU C 48 -17.79 -29.96 1.08
N SER C 49 -17.27 -31.03 0.48
CA SER C 49 -16.00 -30.96 -0.21
C SER C 49 -16.17 -30.46 -1.65
N GLU C 50 -15.73 -29.22 -1.90
CA GLU C 50 -15.69 -28.70 -3.25
C GLU C 50 -14.66 -29.45 -4.09
N GLN C 51 -13.57 -29.88 -3.44
CA GLN C 51 -12.49 -30.62 -4.11
C GLN C 51 -13.01 -31.94 -4.71
N ASN C 52 -13.99 -32.54 -4.04
CA ASN C 52 -14.62 -33.79 -4.48
C ASN C 52 -15.31 -33.51 -5.79
N LEU C 53 -15.98 -32.36 -5.87
CA LEU C 53 -16.65 -31.95 -7.12
C LEU C 53 -15.65 -31.64 -8.24
N VAL C 54 -14.63 -30.86 -7.92
CA VAL C 54 -13.62 -30.46 -8.91
C VAL C 54 -12.93 -31.66 -9.54
N ASP C 55 -12.56 -32.63 -8.70
CA ASP C 55 -11.84 -33.82 -9.13
C ASP C 55 -12.68 -34.91 -9.78
N CYS C 56 -13.97 -34.98 -9.46
CA CYS C 56 -14.71 -36.19 -9.75
C CYS C 56 -15.92 -35.99 -10.64
N SER C 57 -16.43 -34.77 -10.82
CA SER C 57 -17.68 -34.64 -11.60
C SER C 57 -17.54 -34.39 -13.13
N GLY C 58 -16.36 -34.66 -13.67
CA GLY C 58 -16.13 -34.53 -15.11
C GLY C 58 -17.10 -35.32 -15.96
N PRO C 59 -17.43 -36.56 -15.57
CA PRO C 59 -18.28 -37.34 -16.46
C PRO C 59 -19.70 -36.74 -16.58
N GLN C 60 -20.09 -35.89 -15.62
CA GLN C 60 -21.43 -35.26 -15.60
C GLN C 60 -21.39 -34.02 -16.48
N GLY C 61 -20.16 -33.61 -16.85
CA GLY C 61 -19.92 -32.49 -17.78
C GLY C 61 -19.07 -31.34 -17.28
N ASN C 62 -18.63 -31.41 -16.02
CA ASN C 62 -17.86 -30.34 -15.42
C ASN C 62 -16.42 -30.37 -15.86
N GLU C 63 -15.79 -29.22 -15.79
CA GLU C 63 -14.42 -29.11 -16.28
C GLU C 63 -13.44 -28.60 -15.25
N GLY C 64 -13.56 -29.10 -14.01
CA GLY C 64 -12.53 -28.88 -13.00
C GLY C 64 -12.34 -27.41 -12.68
N CYS C 65 -11.08 -27.02 -12.54
CA CYS C 65 -10.68 -25.63 -12.29
C CYS C 65 -10.90 -24.74 -13.52
N ASN C 66 -11.37 -25.32 -14.61
CA ASN C 66 -11.74 -24.54 -15.80
C ASN C 66 -13.23 -24.22 -15.89
N GLY C 67 -13.98 -24.48 -14.82
CA GLY C 67 -15.42 -24.15 -14.82
C GLY C 67 -16.37 -25.34 -14.80
N GLY C 68 -17.63 -25.09 -14.53
CA GLY C 68 -18.62 -26.13 -14.39
C GLY C 68 -20.03 -25.61 -14.13
N LEU C 69 -20.99 -26.52 -14.06
CA LEU C 69 -22.38 -26.15 -13.80
C LEU C 69 -22.83 -26.78 -12.50
N MET C 70 -23.53 -26.01 -11.68
CA MET C 70 -24.10 -26.52 -10.45
C MET C 70 -24.98 -27.78 -10.67
N ASP C 71 -25.82 -27.77 -11.70
CA ASP C 71 -26.68 -28.91 -11.97
C ASP C 71 -25.90 -30.20 -12.27
N TYR C 72 -24.79 -30.07 -13.00
CA TYR C 72 -23.90 -31.22 -13.21
C TYR C 72 -23.31 -31.71 -11.88
N ALA C 73 -23.04 -30.78 -10.96
CA ALA C 73 -22.55 -31.17 -9.63
C ALA C 73 -23.63 -31.93 -8.89
N PHE C 74 -24.89 -31.48 -9.01
CA PHE C 74 -25.98 -32.18 -8.32
C PHE C 74 -26.21 -33.57 -8.94
N GLN C 75 -26.15 -33.65 -10.27
CA GLN C 75 -26.15 -34.94 -10.94
C GLN C 75 -25.02 -35.86 -10.44
N TYR C 76 -23.82 -35.30 -10.26
CA TYR C 76 -22.70 -36.13 -9.75
C TYR C 76 -23.00 -36.78 -8.40
N VAL C 77 -23.54 -35.98 -7.49
CA VAL C 77 -23.84 -36.49 -6.17
C VAL C 77 -24.87 -37.62 -6.30
N GLN C 78 -25.91 -37.43 -7.13
CA GLN C 78 -26.88 -38.50 -7.38
C GLN C 78 -26.21 -39.75 -7.97
N ASP C 79 -25.53 -39.60 -9.11
CA ASP C 79 -24.93 -40.75 -9.86
C ASP C 79 -23.97 -41.51 -8.96
N ASN C 80 -23.22 -40.73 -8.19
CA ASN C 80 -22.09 -41.24 -7.44
C ASN C 80 -22.50 -41.93 -6.17
N GLY C 81 -23.69 -41.56 -5.69
CA GLY C 81 -24.23 -42.05 -4.44
C GLY C 81 -23.64 -41.40 -3.20
N GLY C 82 -23.13 -40.18 -3.34
CA GLY C 82 -22.57 -39.51 -2.17
C GLY C 82 -21.62 -38.37 -2.49
N LEU C 83 -21.23 -37.66 -1.43
CA LEU C 83 -20.29 -36.55 -1.54
C LEU C 83 -19.62 -36.46 -0.20
N ASP C 84 -18.29 -36.39 -0.22
CA ASP C 84 -17.48 -36.31 0.98
C ASP C 84 -17.59 -34.95 1.71
N SER C 85 -17.33 -34.99 3.01
CA SER C 85 -17.24 -33.78 3.83
C SER C 85 -16.01 -32.96 3.46
N GLU C 86 -16.08 -31.66 3.71
CA GLU C 86 -14.94 -30.75 3.61
C GLU C 86 -13.75 -31.24 4.46
N GLU C 87 -14.03 -31.71 5.68
CA GLU C 87 -13.01 -32.21 6.61
C GLU C 87 -12.22 -33.43 6.10
N SER C 88 -12.91 -34.33 5.38
CA SER C 88 -12.36 -35.59 4.83
C SER C 88 -11.59 -35.39 3.53
N TYR C 89 -11.97 -34.36 2.78
CA TYR C 89 -11.50 -34.18 1.43
C TYR C 89 -11.22 -32.68 1.23
N PRO C 90 -10.14 -32.15 1.86
CA PRO C 90 -9.89 -30.69 1.95
C PRO C 90 -9.75 -29.96 0.60
N TYR C 91 -10.00 -28.66 0.61
CA TYR C 91 -9.93 -27.92 -0.64
C TYR C 91 -8.47 -27.54 -0.95
N GLU C 92 -8.01 -27.83 -2.16
CA GLU C 92 -6.60 -27.56 -2.55
C GLU C 92 -6.45 -26.59 -3.74
N ALA C 93 -7.57 -26.17 -4.36
CA ALA C 93 -7.58 -25.17 -5.45
C ALA C 93 -6.79 -25.55 -6.71
N THR C 94 -6.79 -26.83 -7.03
CA THR C 94 -6.17 -27.36 -8.23
C THR C 94 -6.84 -28.68 -8.59
N GLU C 95 -6.83 -29.05 -9.87
CA GLU C 95 -7.36 -30.34 -10.27
C GLU C 95 -6.34 -31.45 -10.02
N GLU C 96 -6.86 -32.57 -9.52
CA GLU C 96 -6.04 -33.74 -9.26
C GLU C 96 -6.98 -34.90 -9.55
N SER C 97 -6.49 -36.13 -9.58
CA SER C 97 -7.38 -37.28 -9.79
C SER C 97 -8.42 -37.43 -8.65
N CYS C 98 -9.55 -38.05 -8.97
CA CYS C 98 -10.62 -38.27 -7.99
C CYS C 98 -10.23 -39.20 -6.82
N LYS C 99 -10.51 -38.78 -5.59
CA LYS C 99 -10.18 -39.57 -4.40
C LYS C 99 -11.40 -39.76 -3.47
N TYR C 100 -12.58 -39.70 -4.08
CA TYR C 100 -13.84 -39.92 -3.38
C TYR C 100 -13.78 -41.20 -2.58
N ASN C 101 -14.19 -41.11 -1.32
CA ASN C 101 -14.29 -42.28 -0.46
C ASN C 101 -15.68 -42.36 0.12
N PRO C 102 -16.46 -43.42 -0.22
CA PRO C 102 -17.84 -43.46 0.27
C PRO C 102 -17.93 -43.50 1.80
N LYS C 103 -16.88 -44.02 2.45
CA LYS C 103 -16.84 -44.09 3.90
C LYS C 103 -16.98 -42.70 4.52
N TYR C 104 -16.59 -41.67 3.77
CA TYR C 104 -16.62 -40.29 4.27
C TYR C 104 -17.75 -39.43 3.70
N SER C 105 -18.66 -40.07 2.98
CA SER C 105 -19.79 -39.40 2.37
C SER C 105 -20.81 -38.94 3.42
N VAL C 106 -21.21 -37.68 3.31
CA VAL C 106 -22.06 -37.07 4.34
C VAL C 106 -23.29 -36.38 3.73
N ALA C 107 -23.39 -36.42 2.40
CA ALA C 107 -24.52 -35.82 1.68
C ALA C 107 -24.96 -36.67 0.50
N ASN C 108 -26.20 -36.49 0.11
CA ASN C 108 -26.78 -37.21 -1.00
C ASN C 108 -27.80 -36.32 -1.66
N ASP C 109 -28.02 -36.53 -2.94
CA ASP C 109 -29.24 -35.98 -3.54
C ASP C 109 -29.88 -36.95 -4.51
N ALA C 110 -31.16 -36.71 -4.77
CA ALA C 110 -31.96 -37.53 -5.70
C ALA C 110 -32.28 -36.71 -6.94
N GLY C 111 -31.39 -35.78 -7.24
CA GLY C 111 -31.51 -34.91 -8.41
C GLY C 111 -31.58 -33.46 -7.98
N PHE C 112 -32.28 -32.68 -8.80
CA PHE C 112 -32.32 -31.25 -8.64
C PHE C 112 -33.55 -30.64 -9.31
N VAL C 113 -33.78 -29.35 -9.08
CA VAL C 113 -34.93 -28.64 -9.65
C VAL C 113 -34.40 -27.36 -10.33
N ASP C 114 -34.85 -27.08 -11.56
CA ASP C 114 -34.52 -25.83 -12.26
C ASP C 114 -35.72 -24.89 -12.11
N ILE C 115 -35.48 -23.69 -11.58
CA ILE C 115 -36.52 -22.69 -11.34
C ILE C 115 -36.74 -21.92 -12.66
N PRO C 116 -38.00 -21.59 -13.01
CA PRO C 116 -38.29 -20.73 -14.18
C PRO C 116 -37.48 -19.43 -14.16
N LYS C 117 -37.27 -18.85 -15.35
CA LYS C 117 -36.35 -17.70 -15.50
C LYS C 117 -37.02 -16.38 -15.14
N GLN C 118 -37.68 -16.36 -13.98
CA GLN C 118 -38.30 -15.14 -13.44
C GLN C 118 -37.92 -14.88 -11.99
N GLU C 119 -37.68 -13.61 -11.67
CA GLU C 119 -37.33 -13.24 -10.29
C GLU C 119 -38.46 -13.53 -9.33
N LYS C 120 -39.70 -13.45 -9.81
CA LYS C 120 -40.87 -13.85 -9.02
C LYS C 120 -40.73 -15.31 -8.51
N ALA C 121 -40.33 -16.20 -9.43
CA ALA C 121 -40.16 -17.62 -9.14
C ALA C 121 -38.95 -17.85 -8.21
N LEU C 122 -37.88 -17.09 -8.43
CA LEU C 122 -36.69 -17.28 -7.59
C LEU C 122 -37.03 -16.88 -6.16
N MET C 123 -37.81 -15.81 -6.03
CA MET C 123 -38.26 -15.33 -4.72
C MET C 123 -39.03 -16.38 -3.93
N LYS C 124 -40.00 -17.00 -4.59
CA LYS C 124 -40.80 -18.07 -4.00
C LYS C 124 -39.92 -19.25 -3.62
N ALA C 125 -38.99 -19.64 -4.50
CA ALA C 125 -38.03 -20.71 -4.19
C ALA C 125 -37.14 -20.34 -2.98
N VAL C 126 -36.56 -19.14 -2.97
CA VAL C 126 -35.75 -18.72 -1.82
C VAL C 126 -36.60 -18.77 -0.52
N ALA C 127 -37.81 -18.22 -0.59
CA ALA C 127 -38.67 -18.13 0.58
C ALA C 127 -39.09 -19.51 1.12
N THR C 128 -39.22 -20.52 0.25
CA THR C 128 -39.78 -21.82 0.65
C THR C 128 -38.81 -23.00 0.75
N VAL C 129 -37.67 -22.90 0.04
CA VAL C 129 -36.75 -24.00 -0.09
C VAL C 129 -35.52 -23.84 0.81
N GLY C 130 -34.89 -22.69 0.76
CA GLY C 130 -33.58 -22.52 1.35
C GLY C 130 -32.67 -21.89 0.34
N PRO C 131 -31.36 -21.88 0.63
CA PRO C 131 -30.42 -21.24 -0.28
C PRO C 131 -30.47 -21.82 -1.70
N ILE C 132 -30.33 -20.96 -2.69
CA ILE C 132 -30.50 -21.35 -4.08
C ILE C 132 -29.23 -21.09 -4.89
N SER C 133 -28.82 -22.07 -5.70
CA SER C 133 -27.66 -21.89 -6.58
C SER C 133 -28.07 -21.02 -7.74
N VAL C 134 -27.25 -20.02 -8.06
CA VAL C 134 -27.57 -19.08 -9.15
C VAL C 134 -26.31 -18.74 -9.96
N ALA C 135 -26.55 -18.44 -11.23
CA ALA C 135 -25.52 -17.92 -12.13
C ALA C 135 -25.65 -16.41 -12.20
N ILE C 136 -24.52 -15.70 -12.16
CA ILE C 136 -24.48 -14.22 -12.34
C ILE C 136 -23.34 -13.72 -13.24
N ASP C 137 -23.58 -12.59 -13.91
CA ASP C 137 -22.51 -11.85 -14.57
C ASP C 137 -21.69 -11.07 -13.52
N ALA C 138 -20.51 -11.59 -13.18
CA ALA C 138 -19.62 -10.99 -12.19
C ALA C 138 -18.35 -10.34 -12.77
N GLY C 139 -18.29 -10.20 -14.08
CA GLY C 139 -17.07 -9.70 -14.75
C GLY C 139 -16.94 -8.18 -14.87
N HIS C 140 -16.95 -7.49 -13.72
CA HIS C 140 -16.83 -6.02 -13.70
C HIS C 140 -16.02 -5.57 -12.51
N GLU C 141 -15.22 -4.53 -12.73
CA GLU C 141 -14.35 -3.99 -11.67
C GLU C 141 -15.17 -3.61 -10.44
N SER C 142 -16.35 -3.02 -10.65
CA SER C 142 -17.24 -2.62 -9.57
C SER C 142 -17.59 -3.80 -8.63
N PHE C 143 -17.74 -4.98 -9.21
CA PHE C 143 -17.93 -6.23 -8.44
C PHE C 143 -16.71 -6.58 -7.57
N LEU C 144 -15.49 -6.44 -8.11
CA LEU C 144 -14.26 -6.69 -7.34
C LEU C 144 -14.12 -5.78 -6.10
N PHE C 145 -14.43 -4.49 -6.26
CA PHE C 145 -14.17 -3.45 -5.23
C PHE C 145 -15.35 -3.21 -4.29
N TYR C 146 -16.43 -3.93 -4.53
CA TYR C 146 -17.66 -3.79 -3.76
C TYR C 146 -17.39 -3.83 -2.24
N LYS C 147 -17.99 -2.89 -1.52
CA LYS C 147 -17.82 -2.74 -0.06
C LYS C 147 -19.14 -2.92 0.67
N GLU C 148 -20.19 -2.29 0.13
CA GLU C 148 -21.50 -2.27 0.77
C GLU C 148 -22.56 -1.73 -0.18
N GLY C 149 -23.80 -1.73 0.30
CA GLY C 149 -24.93 -1.25 -0.51
C GLY C 149 -25.42 -2.23 -1.54
N ILE C 150 -26.37 -1.77 -2.34
CA ILE C 150 -26.99 -2.63 -3.32
C ILE C 150 -26.20 -2.51 -4.61
N TYR C 151 -25.66 -3.64 -5.04
CA TYR C 151 -24.83 -3.68 -6.23
C TYR C 151 -25.69 -3.57 -7.47
N PHE C 152 -25.48 -2.50 -8.24
CA PHE C 152 -26.12 -2.37 -9.56
C PHE C 152 -25.11 -1.99 -10.64
N GLU C 153 -25.05 -2.82 -11.67
CA GLU C 153 -24.15 -2.64 -12.79
C GLU C 153 -24.95 -2.40 -14.06
N PRO C 154 -24.99 -1.14 -14.54
CA PRO C 154 -25.81 -0.92 -15.74
C PRO C 154 -25.29 -1.69 -16.95
N ASP C 155 -24.02 -2.03 -16.95
CA ASP C 155 -23.40 -2.80 -18.02
C ASP C 155 -23.56 -4.31 -17.86
N CYS C 156 -24.29 -4.73 -16.83
CA CYS C 156 -24.50 -6.16 -16.56
C CYS C 156 -25.39 -6.84 -17.59
N SER C 157 -25.11 -8.11 -17.84
CA SER C 157 -25.86 -8.91 -18.79
C SER C 157 -26.75 -9.92 -18.08
N SER C 158 -27.96 -10.06 -18.58
CA SER C 158 -28.92 -10.97 -17.97
C SER C 158 -29.04 -12.28 -18.76
N GLU C 159 -28.03 -12.54 -19.60
CA GLU C 159 -28.02 -13.69 -20.52
C GLU C 159 -26.64 -14.34 -20.56
N ASP C 160 -25.62 -13.57 -20.20
CA ASP C 160 -24.24 -14.02 -20.21
C ASP C 160 -23.69 -14.06 -18.80
N MET C 161 -23.80 -15.20 -18.14
CA MET C 161 -23.35 -15.36 -16.76
C MET C 161 -21.98 -16.01 -16.71
N ASP C 162 -21.18 -15.72 -15.69
CA ASP C 162 -19.82 -16.27 -15.66
C ASP C 162 -19.34 -16.72 -14.28
N HIS C 163 -20.26 -16.78 -13.34
CA HIS C 163 -19.91 -17.02 -11.93
C HIS C 163 -21.11 -17.65 -11.23
N GLY C 164 -20.85 -18.71 -10.45
CA GLY C 164 -21.90 -19.42 -9.73
C GLY C 164 -21.79 -19.03 -8.28
N VAL C 165 -22.90 -18.61 -7.70
CA VAL C 165 -22.91 -18.13 -6.31
C VAL C 165 -24.19 -18.64 -5.67
N LEU C 166 -24.45 -18.19 -4.46
CA LEU C 166 -25.56 -18.71 -3.66
C LEU C 166 -26.43 -17.60 -3.10
N VAL C 167 -27.73 -17.64 -3.40
CA VAL C 167 -28.66 -16.69 -2.81
C VAL C 167 -29.12 -17.27 -1.49
N VAL C 168 -28.86 -16.57 -0.39
CA VAL C 168 -29.26 -17.06 0.94
C VAL C 168 -30.42 -16.31 1.57
N GLY C 169 -30.92 -15.31 0.85
CA GLY C 169 -32.08 -14.54 1.30
C GLY C 169 -32.28 -13.33 0.40
N TYR C 170 -33.11 -12.41 0.87
CA TYR C 170 -33.36 -11.16 0.19
C TYR C 170 -33.98 -10.19 1.19
N GLY C 171 -34.00 -8.90 0.84
CA GLY C 171 -34.46 -7.88 1.77
C GLY C 171 -34.53 -6.54 1.05
N PHE C 172 -34.53 -5.48 1.84
CA PHE C 172 -34.63 -4.13 1.32
C PHE C 172 -33.87 -3.17 2.23
N GLU C 173 -33.42 -2.05 1.66
CA GLU C 173 -32.98 -0.91 2.41
C GLU C 173 -33.20 0.37 1.58
N SER C 174 -33.58 1.43 2.27
CA SER C 174 -33.80 2.72 1.62
C SER C 174 -32.55 3.22 0.94
N THR C 175 -32.69 3.66 -0.31
CA THR C 175 -31.60 4.17 -1.16
C THR C 175 -31.96 5.52 -1.79
N GLU C 176 -30.91 6.21 -2.26
CA GLU C 176 -31.02 7.46 -2.98
C GLU C 176 -31.94 7.38 -4.18
N SER C 177 -31.81 6.30 -4.97
CA SER C 177 -32.58 6.13 -6.20
C SER C 177 -33.94 5.41 -5.98
N ASP C 178 -34.16 4.94 -4.76
CA ASP C 178 -35.39 4.24 -4.39
C ASP C 178 -35.52 2.91 -5.10
N ASN C 179 -34.38 2.36 -5.52
CA ASN C 179 -34.32 0.96 -5.93
C ASN C 179 -33.78 0.22 -4.73
N ASN C 180 -34.70 -0.33 -3.92
CA ASN C 180 -34.41 -0.69 -2.53
C ASN C 180 -34.30 -2.17 -2.21
N LYS C 181 -34.71 -3.01 -3.16
CA LYS C 181 -34.75 -4.45 -2.92
C LYS C 181 -33.44 -5.11 -3.37
N TYR C 182 -33.01 -6.12 -2.61
CA TYR C 182 -31.83 -6.89 -2.98
C TYR C 182 -31.92 -8.39 -2.66
N TRP C 183 -31.17 -9.17 -3.44
CA TRP C 183 -30.83 -10.57 -3.15
C TRP C 183 -29.58 -10.57 -2.28
N LEU C 184 -29.60 -11.38 -1.23
CA LEU C 184 -28.46 -11.52 -0.34
C LEU C 184 -27.65 -12.71 -0.84
N VAL C 185 -26.45 -12.45 -1.39
CA VAL C 185 -25.67 -13.47 -2.11
C VAL C 185 -24.33 -13.79 -1.42
N LYS C 186 -24.09 -15.07 -1.16
CA LYS C 186 -22.85 -15.53 -0.60
C LYS C 186 -21.88 -15.77 -1.75
N ASN C 187 -20.71 -15.10 -1.69
CA ASN C 187 -19.66 -15.38 -2.66
C ASN C 187 -18.65 -16.39 -2.10
N SER C 188 -17.73 -16.81 -2.97
CA SER C 188 -16.68 -17.75 -2.60
C SER C 188 -15.30 -17.13 -2.80
N TRP C 189 -15.15 -15.88 -2.36
CA TRP C 189 -13.88 -15.16 -2.47
C TRP C 189 -13.28 -14.68 -1.16
N GLY C 190 -13.60 -15.38 -0.06
CA GLY C 190 -13.15 -15.02 1.28
C GLY C 190 -13.98 -13.91 1.90
N GLU C 191 -13.82 -13.75 3.22
CA GLU C 191 -14.59 -12.76 3.97
C GLU C 191 -14.05 -11.31 3.82
N GLU C 192 -12.84 -11.15 3.26
CA GLU C 192 -12.29 -9.82 2.92
C GLU C 192 -12.96 -9.11 1.75
N TRP C 193 -13.52 -9.89 0.83
CA TRP C 193 -14.30 -9.33 -0.28
C TRP C 193 -15.68 -8.87 0.22
N GLY C 194 -16.12 -7.71 -0.26
CA GLY C 194 -17.50 -7.26 -0.01
C GLY C 194 -17.87 -7.13 1.45
N MET C 195 -19.12 -7.49 1.78
CA MET C 195 -19.58 -7.37 3.17
C MET C 195 -19.41 -8.71 3.86
N GLY C 196 -18.25 -8.92 4.47
CA GLY C 196 -17.88 -10.21 5.07
C GLY C 196 -18.05 -11.37 4.12
N GLY C 197 -17.83 -11.12 2.83
CA GLY C 197 -17.92 -12.16 1.81
C GLY C 197 -19.25 -12.21 1.06
N TYR C 198 -20.20 -11.35 1.45
CA TYR C 198 -21.52 -11.24 0.84
C TYR C 198 -21.68 -10.01 -0.02
N VAL C 199 -22.63 -10.10 -0.95
CA VAL C 199 -23.06 -8.97 -1.79
C VAL C 199 -24.59 -8.87 -1.79
N LYS C 200 -25.09 -7.64 -1.75
CA LYS C 200 -26.52 -7.37 -1.86
C LYS C 200 -26.69 -7.03 -3.31
N MET C 201 -27.30 -7.92 -4.09
N MET C 201 -27.31 -7.93 -4.06
CA MET C 201 -27.46 -7.67 -5.51
CA MET C 201 -27.51 -7.76 -5.51
C MET C 201 -28.86 -7.19 -5.86
C MET C 201 -28.88 -7.18 -5.84
N ALA C 202 -28.92 -6.27 -6.82
CA ALA C 202 -30.20 -5.63 -7.22
C ALA C 202 -31.31 -6.63 -7.52
N LYS C 203 -32.42 -6.49 -6.82
CA LYS C 203 -33.60 -7.31 -7.03
C LYS C 203 -34.75 -6.58 -7.70
N ASP C 204 -35.41 -7.29 -8.62
CA ASP C 204 -36.59 -6.79 -9.31
C ASP C 204 -36.25 -5.60 -10.20
N ARG C 205 -35.08 -5.69 -10.81
CA ARG C 205 -34.61 -4.72 -11.78
C ARG C 205 -34.28 -5.40 -13.08
N ARG C 206 -35.30 -6.00 -13.70
CA ARG C 206 -35.18 -6.71 -14.99
C ARG C 206 -34.16 -7.85 -14.97
N ASN C 207 -34.23 -8.70 -13.94
CA ASN C 207 -33.32 -9.84 -13.82
C ASN C 207 -31.85 -9.43 -13.94
N HIS C 208 -31.46 -8.56 -13.03
CA HIS C 208 -30.15 -7.92 -13.04
C HIS C 208 -29.02 -8.94 -12.93
N CYS C 209 -28.03 -8.81 -13.81
CA CYS C 209 -26.88 -9.73 -13.89
C CYS C 209 -27.22 -11.21 -14.11
N GLY C 210 -28.45 -11.49 -14.55
CA GLY C 210 -28.92 -12.84 -14.84
C GLY C 210 -29.24 -13.74 -13.64
N ILE C 211 -29.36 -13.13 -12.46
CA ILE C 211 -29.53 -13.87 -11.19
C ILE C 211 -30.66 -14.92 -11.21
N ALA C 212 -31.72 -14.67 -11.96
CA ALA C 212 -32.85 -15.60 -12.10
C ALA C 212 -32.77 -16.50 -13.36
N SER C 213 -31.70 -16.39 -14.14
CA SER C 213 -31.60 -17.07 -15.47
C SER C 213 -31.26 -18.57 -15.40
N ALA C 214 -30.49 -18.95 -14.39
CA ALA C 214 -30.06 -20.34 -14.22
C ALA C 214 -29.98 -20.61 -12.72
N ALA C 215 -31.14 -20.58 -12.09
CA ALA C 215 -31.29 -20.87 -10.65
C ALA C 215 -31.77 -22.30 -10.40
N SER C 216 -31.20 -22.94 -9.39
CA SER C 216 -31.47 -24.35 -9.16
C SER C 216 -31.11 -24.78 -7.75
N TYR C 217 -31.64 -25.92 -7.34
CA TYR C 217 -31.28 -26.50 -6.03
C TYR C 217 -31.36 -28.01 -6.05
N PRO C 218 -30.61 -28.71 -5.18
CA PRO C 218 -30.67 -30.18 -5.22
C PRO C 218 -31.88 -30.72 -4.45
N THR C 219 -32.33 -31.91 -4.83
CA THR C 219 -33.45 -32.57 -4.20
C THR C 219 -32.88 -33.55 -3.19
N VAL C 220 -33.22 -33.34 -1.93
CA VAL C 220 -32.79 -34.20 -0.84
C VAL C 220 -34.08 -34.52 -0.10
N ALA D 1 -1.67 -26.04 21.93
CA ALA D 1 -2.78 -25.26 21.28
C ALA D 1 -2.47 -24.99 19.82
N PRO D 2 -3.47 -25.14 18.92
CA PRO D 2 -3.31 -24.93 17.48
C PRO D 2 -2.86 -23.50 17.18
N ARG D 3 -2.14 -23.35 16.07
CA ARG D 3 -1.65 -22.04 15.64
C ARG D 3 -2.77 -21.09 15.17
N SER D 4 -3.91 -21.65 14.78
CA SER D 4 -5.10 -20.86 14.45
C SER D 4 -6.39 -21.60 14.84
N VAL D 5 -7.40 -20.83 15.27
CA VAL D 5 -8.69 -21.37 15.69
C VAL D 5 -9.79 -20.46 15.15
N ASP D 6 -10.87 -21.04 14.66
CA ASP D 6 -12.05 -20.27 14.27
C ASP D 6 -13.32 -21.07 14.54
N TRP D 7 -13.96 -20.77 15.66
CA TRP D 7 -15.12 -21.52 16.14
C TRP D 7 -16.35 -21.37 15.22
N ARG D 8 -16.33 -20.37 14.34
CA ARG D 8 -17.42 -20.22 13.38
C ARG D 8 -17.49 -21.40 12.44
N GLU D 9 -16.32 -21.91 12.04
N GLU D 9 -16.32 -21.92 12.04
CA GLU D 9 -16.24 -23.10 11.19
CA GLU D 9 -16.25 -23.09 11.18
C GLU D 9 -16.85 -24.32 11.89
C GLU D 9 -16.60 -24.40 11.90
N LYS D 10 -16.78 -24.33 13.22
CA LYS D 10 -17.19 -25.52 14.00
C LYS D 10 -18.70 -25.52 14.38
N GLY D 11 -19.39 -24.43 14.06
CA GLY D 11 -20.83 -24.32 14.28
C GLY D 11 -21.20 -23.67 15.60
N TYR D 12 -20.24 -23.04 16.26
CA TYR D 12 -20.47 -22.51 17.63
C TYR D 12 -21.09 -21.10 17.69
N VAL D 13 -21.19 -20.43 16.55
CA VAL D 13 -21.43 -18.97 16.48
C VAL D 13 -22.64 -18.60 15.63
N THR D 14 -23.57 -17.84 16.19
CA THR D 14 -24.75 -17.38 15.48
C THR D 14 -24.33 -16.19 14.60
N PRO D 15 -25.16 -15.78 13.61
CA PRO D 15 -24.80 -14.58 12.87
C PRO D 15 -24.63 -13.34 13.77
N VAL D 16 -24.00 -12.31 13.23
CA VAL D 16 -23.79 -11.05 13.95
C VAL D 16 -25.13 -10.35 14.24
N LYS D 17 -25.25 -9.82 15.44
CA LYS D 17 -26.42 -9.09 15.93
C LYS D 17 -26.14 -7.60 16.08
N ASN D 18 -27.18 -6.79 16.30
CA ASN D 18 -27.00 -5.36 16.48
C ASN D 18 -27.71 -4.88 17.74
N GLN D 19 -26.91 -4.40 18.69
CA GLN D 19 -27.49 -3.90 19.94
C GLN D 19 -28.21 -2.57 19.83
N GLY D 20 -28.00 -1.85 18.73
CA GLY D 20 -28.77 -0.63 18.48
C GLY D 20 -28.37 0.44 19.44
N GLN D 21 -29.32 1.30 19.81
CA GLN D 21 -29.00 2.41 20.72
C GLN D 21 -29.22 2.13 22.22
N CYS D 22 -28.94 0.90 22.63
CA CYS D 22 -29.07 0.48 24.02
C CYS D 22 -27.71 -0.07 24.45
N GLY D 23 -27.25 0.32 25.64
CA GLY D 23 -25.94 -0.08 26.15
C GLY D 23 -25.92 -1.51 26.68
N SER D 24 -26.11 -2.46 25.77
CA SER D 24 -26.37 -3.84 26.14
C SER D 24 -25.27 -4.78 25.66
N CYS D 25 -24.12 -4.22 25.29
CA CYS D 25 -23.01 -5.02 24.75
C CYS D 25 -22.68 -6.27 25.59
N TRP D 26 -22.73 -6.11 26.92
CA TRP D 26 -22.50 -7.18 27.90
C TRP D 26 -23.46 -8.37 27.73
N ALA D 27 -24.70 -8.04 27.38
CA ALA D 27 -25.70 -9.05 27.13
C ALA D 27 -25.43 -9.80 25.84
N PHE D 28 -24.94 -9.10 24.82
CA PHE D 28 -24.55 -9.76 23.56
C PHE D 28 -23.30 -10.63 23.73
N SER D 29 -22.34 -10.13 24.52
CA SER D 29 -21.14 -10.90 24.87
C SER D 29 -21.49 -12.19 25.61
N ALA D 30 -22.42 -12.08 26.56
CA ALA D 30 -22.88 -13.23 27.34
C ALA D 30 -23.65 -14.24 26.49
N THR D 31 -24.63 -13.80 25.70
CA THR D 31 -25.34 -14.76 24.86
C THR D 31 -24.40 -15.44 23.87
N GLY D 32 -23.43 -14.70 23.34
CA GLY D 32 -22.49 -15.29 22.39
C GLY D 32 -21.78 -16.47 23.07
N ALA D 33 -21.26 -16.20 24.27
CA ALA D 33 -20.50 -17.23 24.97
C ALA D 33 -21.41 -18.40 25.33
N LEU D 34 -22.62 -18.10 25.81
CA LEU D 34 -23.54 -19.19 26.17
C LEU D 34 -24.06 -19.97 24.94
N GLU D 35 -24.24 -19.31 23.81
CA GLU D 35 -24.59 -20.00 22.56
C GLU D 35 -23.51 -21.02 22.22
N GLY D 36 -22.24 -20.61 22.35
CA GLY D 36 -21.08 -21.51 22.15
C GLY D 36 -21.05 -22.74 23.06
N GLN D 37 -21.17 -22.51 24.35
CA GLN D 37 -21.13 -23.61 25.34
C GLN D 37 -22.34 -24.54 25.25
N MET D 38 -23.51 -24.00 24.89
CA MET D 38 -24.70 -24.83 24.72
C MET D 38 -24.63 -25.69 23.47
N PHE D 39 -24.00 -25.16 22.43
CA PHE D 39 -23.77 -25.95 21.23
C PHE D 39 -22.70 -27.03 21.51
N ARG D 40 -21.66 -26.68 22.28
CA ARG D 40 -20.66 -27.66 22.72
C ARG D 40 -21.30 -28.79 23.52
N LYS D 41 -22.33 -28.45 24.30
CA LYS D 41 -22.98 -29.40 25.19
C LYS D 41 -23.90 -30.32 24.44
N THR D 42 -24.72 -29.74 23.56
CA THR D 42 -25.86 -30.40 22.93
C THR D 42 -25.72 -30.59 21.42
N GLY D 43 -24.87 -29.79 20.77
CA GLY D 43 -24.86 -29.79 19.31
C GLY D 43 -25.99 -29.04 18.60
N ARG D 44 -26.81 -28.31 19.36
CA ARG D 44 -27.75 -27.38 18.75
C ARG D 44 -27.28 -25.96 18.99
N LEU D 45 -27.21 -25.19 17.91
CA LEU D 45 -26.94 -23.76 18.02
C LEU D 45 -28.27 -23.04 18.00
N ILE D 46 -28.60 -22.40 19.13
CA ILE D 46 -29.83 -21.63 19.24
C ILE D 46 -29.54 -20.18 19.69
N SER D 47 -30.03 -19.20 18.93
CA SER D 47 -29.86 -17.79 19.34
C SER D 47 -30.58 -17.45 20.65
N LEU D 48 -29.87 -16.85 21.58
CA LEU D 48 -30.42 -16.59 22.92
C LEU D 48 -30.85 -15.15 23.07
N SER D 49 -31.65 -14.90 24.13
CA SER D 49 -32.30 -13.60 24.30
C SER D 49 -31.50 -12.58 25.10
N GLU D 50 -31.01 -11.55 24.41
CA GLU D 50 -30.34 -10.47 25.10
C GLU D 50 -31.38 -9.69 25.91
N GLN D 51 -32.61 -9.62 25.38
CA GLN D 51 -33.65 -8.83 26.04
C GLN D 51 -33.95 -9.41 27.42
N ASN D 52 -34.01 -10.74 27.48
CA ASN D 52 -34.15 -11.48 28.74
C ASN D 52 -33.11 -11.04 29.78
N LEU D 53 -31.84 -10.90 29.37
CA LEU D 53 -30.80 -10.46 30.31
C LEU D 53 -30.99 -8.99 30.69
N VAL D 54 -31.39 -8.20 29.71
CA VAL D 54 -31.55 -6.76 29.91
C VAL D 54 -32.64 -6.47 30.92
N ASP D 55 -33.77 -7.16 30.80
CA ASP D 55 -34.92 -6.94 31.67
C ASP D 55 -34.77 -7.56 33.07
N CYS D 56 -33.96 -8.63 33.18
CA CYS D 56 -34.12 -9.57 34.30
C CYS D 56 -32.89 -9.69 35.21
N SER D 57 -31.73 -9.35 34.67
CA SER D 57 -30.51 -9.55 35.48
C SER D 57 -30.13 -8.41 36.42
N GLY D 58 -31.08 -7.55 36.75
CA GLY D 58 -30.80 -6.48 37.69
C GLY D 58 -30.27 -6.93 39.06
N PRO D 59 -30.91 -7.94 39.68
CA PRO D 59 -30.53 -8.41 41.03
C PRO D 59 -29.12 -8.96 41.11
N GLN D 60 -28.60 -9.41 39.97
CA GLN D 60 -27.22 -9.88 39.89
C GLN D 60 -26.21 -8.74 39.73
N GLY D 61 -26.72 -7.55 39.42
CA GLY D 61 -25.89 -6.34 39.38
C GLY D 61 -25.95 -5.60 38.07
N ASN D 62 -26.60 -6.20 37.07
CA ASN D 62 -26.70 -5.55 35.76
C ASN D 62 -27.64 -4.33 35.71
N GLU D 63 -27.34 -3.42 34.79
CA GLU D 63 -27.96 -2.12 34.74
C GLU D 63 -28.63 -1.87 33.37
N GLY D 64 -29.16 -2.93 32.79
CA GLY D 64 -29.93 -2.84 31.55
C GLY D 64 -29.20 -2.11 30.44
N CYS D 65 -29.83 -1.09 29.86
CA CYS D 65 -29.22 -0.33 28.78
C CYS D 65 -28.12 0.64 29.31
N ASN D 66 -27.96 0.72 30.62
CA ASN D 66 -26.89 1.53 31.20
C ASN D 66 -25.66 0.67 31.52
N GLY D 67 -25.57 -0.52 30.94
CA GLY D 67 -24.34 -1.32 31.11
C GLY D 67 -24.53 -2.52 32.03
N GLY D 68 -23.49 -3.35 32.11
CA GLY D 68 -23.57 -4.60 32.86
C GLY D 68 -22.29 -5.41 32.65
N LEU D 69 -22.27 -6.60 33.27
CA LEU D 69 -21.11 -7.48 33.21
C LEU D 69 -21.52 -8.85 32.75
N MET D 70 -20.65 -9.47 31.93
CA MET D 70 -20.95 -10.80 31.43
C MET D 70 -21.16 -11.81 32.56
N ASP D 71 -20.34 -11.71 33.61
CA ASP D 71 -20.38 -12.64 34.73
C ASP D 71 -21.69 -12.54 35.49
N TYR D 72 -22.17 -11.30 35.68
CA TYR D 72 -23.52 -11.10 36.22
C TYR D 72 -24.60 -11.76 35.37
N ALA D 73 -24.46 -11.67 34.04
CA ALA D 73 -25.40 -12.35 33.18
C ALA D 73 -25.33 -13.87 33.35
N PHE D 74 -24.11 -14.43 33.52
CA PHE D 74 -23.94 -15.87 33.74
C PHE D 74 -24.53 -16.30 35.08
N GLN D 75 -24.35 -15.43 36.07
CA GLN D 75 -24.96 -15.64 37.39
C GLN D 75 -26.50 -15.68 37.28
N TYR D 76 -27.08 -14.76 36.48
CA TYR D 76 -28.56 -14.74 36.31
C TYR D 76 -29.10 -16.05 35.75
N VAL D 77 -28.45 -16.58 34.72
CA VAL D 77 -28.94 -17.80 34.12
C VAL D 77 -28.92 -18.89 35.21
N GLN D 78 -27.83 -18.96 35.98
CA GLN D 78 -27.70 -19.96 37.04
C GLN D 78 -28.80 -19.77 38.10
N ASP D 79 -28.89 -18.56 38.67
CA ASP D 79 -29.92 -18.21 39.67
C ASP D 79 -31.32 -18.53 39.15
N ASN D 80 -31.55 -18.19 37.89
CA ASN D 80 -32.87 -18.23 37.30
C ASN D 80 -33.27 -19.63 36.85
N GLY D 81 -32.27 -20.48 36.63
CA GLY D 81 -32.50 -21.81 36.10
C GLY D 81 -32.84 -21.89 34.62
N GLY D 82 -32.59 -20.82 33.86
CA GLY D 82 -32.90 -20.84 32.42
C GLY D 82 -32.74 -19.48 31.75
N LEU D 83 -32.70 -19.49 30.42
CA LEU D 83 -32.65 -18.26 29.60
C LEU D 83 -33.48 -18.52 28.35
N ASP D 84 -34.33 -17.57 28.00
CA ASP D 84 -35.19 -17.73 26.84
C ASP D 84 -34.46 -17.60 25.50
N SER D 85 -35.05 -18.22 24.48
CA SER D 85 -34.55 -18.11 23.11
C SER D 85 -34.73 -16.70 22.60
N GLU D 86 -33.91 -16.33 21.61
CA GLU D 86 -34.04 -15.07 20.90
C GLU D 86 -35.42 -14.98 20.25
N GLU D 87 -35.90 -16.09 19.69
CA GLU D 87 -37.19 -16.09 18.96
C GLU D 87 -38.36 -15.82 19.90
N SER D 88 -38.33 -16.46 21.08
CA SER D 88 -39.37 -16.33 22.11
C SER D 88 -39.45 -14.97 22.81
N TYR D 89 -38.28 -14.35 22.99
CA TYR D 89 -38.12 -13.13 23.76
C TYR D 89 -37.18 -12.22 22.91
N PRO D 90 -37.70 -11.68 21.80
CA PRO D 90 -36.79 -10.94 20.90
C PRO D 90 -36.34 -9.58 21.42
N TYR D 91 -35.39 -9.00 20.72
CA TYR D 91 -34.67 -7.84 21.19
C TYR D 91 -35.37 -6.54 20.86
N GLU D 92 -35.60 -5.73 21.90
CA GLU D 92 -36.33 -4.44 21.85
C GLU D 92 -35.44 -3.19 21.95
N ALA D 93 -34.17 -3.34 22.30
CA ALA D 93 -33.22 -2.20 22.42
C ALA D 93 -33.64 -1.13 23.47
N THR D 94 -34.44 -1.56 24.46
CA THR D 94 -34.84 -0.71 25.60
C THR D 94 -35.23 -1.58 26.79
N GLU D 95 -35.02 -1.06 28.00
CA GLU D 95 -35.30 -1.85 29.21
C GLU D 95 -36.77 -1.79 29.63
N GLU D 96 -37.30 -2.96 29.93
CA GLU D 96 -38.65 -3.08 30.42
C GLU D 96 -38.64 -4.13 31.54
N SER D 97 -39.79 -4.36 32.14
CA SER D 97 -39.89 -5.36 33.19
C SER D 97 -39.74 -6.79 32.65
N CYS D 98 -39.33 -7.69 33.53
CA CYS D 98 -38.95 -9.04 33.14
C CYS D 98 -40.13 -9.85 32.62
N LYS D 99 -39.92 -10.48 31.48
CA LYS D 99 -40.94 -11.33 30.90
C LYS D 99 -40.48 -12.77 30.69
N TYR D 100 -39.52 -13.19 31.51
CA TYR D 100 -39.00 -14.55 31.43
C TYR D 100 -40.15 -15.58 31.47
N ASN D 101 -40.05 -16.59 30.60
CA ASN D 101 -41.01 -17.69 30.56
C ASN D 101 -40.31 -19.03 30.49
N PRO D 102 -40.32 -19.80 31.59
CA PRO D 102 -39.64 -21.11 31.65
C PRO D 102 -39.97 -22.09 30.53
N LYS D 103 -41.19 -22.02 30.01
CA LYS D 103 -41.62 -22.88 28.92
C LYS D 103 -40.71 -22.70 27.70
N TYR D 104 -40.13 -21.51 27.53
CA TYR D 104 -39.31 -21.23 26.35
C TYR D 104 -37.82 -21.14 26.64
N SER D 105 -37.40 -21.68 27.78
CA SER D 105 -35.98 -21.76 28.08
C SER D 105 -35.30 -22.77 27.16
N VAL D 106 -34.13 -22.37 26.65
CA VAL D 106 -33.37 -23.22 25.74
C VAL D 106 -31.92 -23.30 26.21
N ALA D 107 -31.63 -22.68 27.35
CA ALA D 107 -30.28 -22.67 27.88
C ALA D 107 -30.25 -22.58 29.38
N ASN D 108 -29.13 -23.01 29.94
CA ASN D 108 -28.89 -23.06 31.36
C ASN D 108 -27.40 -22.90 31.61
N ASP D 109 -27.02 -22.51 32.81
CA ASP D 109 -25.63 -22.64 33.19
C ASP D 109 -25.41 -22.83 34.67
N ALA D 110 -24.27 -23.43 34.97
CA ALA D 110 -23.99 -23.89 36.31
C ALA D 110 -22.96 -23.01 37.00
N GLY D 111 -22.93 -21.74 36.61
CA GLY D 111 -21.89 -20.79 37.03
C GLY D 111 -21.00 -20.41 35.86
N PHE D 112 -19.81 -19.91 36.19
CA PHE D 112 -18.91 -19.37 35.18
C PHE D 112 -17.46 -19.51 35.62
N VAL D 113 -16.54 -19.26 34.68
CA VAL D 113 -15.11 -19.44 34.90
C VAL D 113 -14.45 -18.16 34.45
N ASP D 114 -13.72 -17.53 35.36
CA ASP D 114 -12.88 -16.39 35.02
C ASP D 114 -11.47 -16.86 34.69
N ILE D 115 -10.91 -16.29 33.65
CA ILE D 115 -9.61 -16.70 33.10
C ILE D 115 -8.54 -15.74 33.63
N PRO D 116 -7.35 -16.27 33.97
CA PRO D 116 -6.25 -15.41 34.41
C PRO D 116 -5.96 -14.27 33.41
N LYS D 117 -5.46 -13.17 33.95
CA LYS D 117 -5.29 -11.92 33.19
C LYS D 117 -4.01 -11.91 32.32
N GLN D 118 -3.79 -12.98 31.56
CA GLN D 118 -2.68 -13.02 30.57
C GLN D 118 -3.18 -13.54 29.23
N GLU D 119 -2.55 -13.14 28.13
CA GLU D 119 -3.02 -13.58 26.81
C GLU D 119 -2.72 -15.05 26.49
N LYS D 120 -1.73 -15.63 27.17
CA LYS D 120 -1.41 -17.04 27.03
C LYS D 120 -2.55 -17.89 27.56
N ALA D 121 -3.10 -17.44 28.69
CA ALA D 121 -4.21 -18.11 29.31
C ALA D 121 -5.49 -17.93 28.48
N LEU D 122 -5.68 -16.74 27.89
CA LEU D 122 -6.80 -16.54 26.97
C LEU D 122 -6.72 -17.49 25.77
N MET D 123 -5.52 -17.63 25.20
CA MET D 123 -5.35 -18.52 24.03
C MET D 123 -5.69 -19.98 24.36
N LYS D 124 -5.30 -20.43 25.55
CA LYS D 124 -5.63 -21.78 26.01
C LYS D 124 -7.13 -22.00 26.13
N ALA D 125 -7.81 -21.02 26.72
CA ALA D 125 -9.26 -21.03 26.90
C ALA D 125 -9.95 -21.05 25.54
N VAL D 126 -9.54 -20.17 24.63
CA VAL D 126 -10.18 -20.16 23.29
C VAL D 126 -10.00 -21.53 22.59
N ALA D 127 -8.76 -22.07 22.64
CA ALA D 127 -8.46 -23.34 21.98
C ALA D 127 -9.23 -24.51 22.55
N THR D 128 -9.47 -24.49 23.86
CA THR D 128 -10.04 -25.66 24.53
C THR D 128 -11.49 -25.57 24.92
N VAL D 129 -12.05 -24.35 24.96
CA VAL D 129 -13.40 -24.16 25.49
C VAL D 129 -14.40 -23.82 24.39
N GLY D 130 -14.04 -22.84 23.56
CA GLY D 130 -14.95 -22.30 22.54
C GLY D 130 -14.89 -20.78 22.62
N PRO D 131 -15.88 -20.08 22.04
CA PRO D 131 -15.92 -18.62 22.19
C PRO D 131 -15.89 -18.11 23.64
N ILE D 132 -15.16 -17.02 23.88
CA ILE D 132 -14.91 -16.47 25.23
C ILE D 132 -15.37 -15.03 25.32
N SER D 133 -16.17 -14.70 26.33
CA SER D 133 -16.52 -13.31 26.62
C SER D 133 -15.32 -12.52 27.06
N VAL D 134 -15.09 -11.36 26.46
CA VAL D 134 -13.96 -10.50 26.86
C VAL D 134 -14.41 -9.05 26.96
N ALA D 135 -13.71 -8.30 27.79
CA ALA D 135 -13.83 -6.85 27.84
C ALA D 135 -12.70 -6.20 27.04
N ILE D 136 -13.02 -5.12 26.32
CA ILE D 136 -12.00 -4.35 25.63
C ILE D 136 -12.21 -2.84 25.82
N ASP D 137 -11.14 -2.07 25.64
CA ASP D 137 -11.26 -0.62 25.48
C ASP D 137 -11.65 -0.38 24.02
N ALA D 138 -12.92 -0.05 23.77
CA ALA D 138 -13.37 0.26 22.41
C ALA D 138 -13.66 1.76 22.23
N GLY D 139 -13.21 2.54 23.21
CA GLY D 139 -13.48 3.98 23.31
C GLY D 139 -12.63 4.92 22.47
N HIS D 140 -12.34 4.52 21.23
CA HIS D 140 -11.55 5.33 20.29
C HIS D 140 -12.21 5.31 18.91
N GLU D 141 -12.11 6.41 18.18
CA GLU D 141 -12.80 6.50 16.88
C GLU D 141 -12.27 5.49 15.87
N SER D 142 -10.98 5.12 16.00
CA SER D 142 -10.35 4.10 15.16
C SER D 142 -11.18 2.82 15.21
N PHE D 143 -11.72 2.51 16.39
CA PHE D 143 -12.60 1.35 16.55
C PHE D 143 -13.94 1.58 15.88
N LEU D 144 -14.52 2.77 16.04
CA LEU D 144 -15.75 3.10 15.31
C LEU D 144 -15.59 2.90 13.80
N PHE D 145 -14.43 3.27 13.26
CA PHE D 145 -14.22 3.35 11.80
C PHE D 145 -13.60 2.09 11.20
N TYR D 146 -13.28 1.12 12.07
CA TYR D 146 -12.63 -0.13 11.64
C TYR D 146 -13.40 -0.82 10.50
N LYS D 147 -12.66 -1.24 9.47
CA LYS D 147 -13.26 -1.85 8.27
C LYS D 147 -12.61 -3.22 8.00
N GLU D 148 -11.28 -3.27 8.08
CA GLU D 148 -10.50 -4.51 7.93
C GLU D 148 -9.08 -4.34 8.46
N GLY D 149 -8.32 -5.42 8.48
CA GLY D 149 -6.96 -5.38 8.97
C GLY D 149 -6.84 -5.80 10.42
N ILE D 150 -5.61 -5.82 10.92
CA ILE D 150 -5.39 -6.11 12.32
C ILE D 150 -5.44 -4.79 13.07
N TYR D 151 -6.43 -4.69 13.96
CA TYR D 151 -6.68 -3.49 14.73
C TYR D 151 -5.64 -3.26 15.81
N PHE D 152 -4.99 -2.11 15.72
CA PHE D 152 -4.06 -1.69 16.74
C PHE D 152 -4.26 -0.19 16.92
N GLU D 153 -4.47 0.22 18.16
CA GLU D 153 -4.70 1.61 18.55
C GLU D 153 -3.70 2.02 19.66
N PRO D 154 -2.70 2.85 19.33
CA PRO D 154 -1.67 3.16 20.33
C PRO D 154 -2.22 3.86 21.59
N ASP D 155 -3.37 4.52 21.48
CA ASP D 155 -4.04 5.11 22.64
C ASP D 155 -4.90 4.13 23.47
N CYS D 156 -4.99 2.86 23.07
CA CYS D 156 -5.78 1.88 23.85
C CYS D 156 -5.24 1.67 25.26
N SER D 157 -6.15 1.43 26.21
CA SER D 157 -5.78 1.08 27.56
C SER D 157 -5.96 -0.42 27.81
N SER D 158 -5.03 -1.02 28.56
N SER D 158 -5.01 -1.00 28.56
CA SER D 158 -5.11 -2.43 28.90
CA SER D 158 -5.05 -2.41 28.93
C SER D 158 -5.81 -2.63 30.27
C SER D 158 -5.82 -2.63 30.24
N GLU D 159 -6.22 -1.53 30.89
CA GLU D 159 -6.78 -1.58 32.25
C GLU D 159 -8.20 -1.02 32.38
N ASP D 160 -8.55 -0.11 31.48
CA ASP D 160 -9.87 0.55 31.46
C ASP D 160 -10.70 0.12 30.24
N MET D 161 -11.47 -0.95 30.39
CA MET D 161 -12.31 -1.48 29.30
C MET D 161 -13.73 -0.93 29.40
N ASP D 162 -14.40 -0.80 28.27
CA ASP D 162 -15.75 -0.22 28.25
C ASP D 162 -16.73 -0.91 27.29
N HIS D 163 -16.37 -2.08 26.81
CA HIS D 163 -17.18 -2.78 25.82
C HIS D 163 -16.94 -4.25 26.05
N GLY D 164 -18.01 -5.03 25.95
CA GLY D 164 -17.94 -6.48 26.04
C GLY D 164 -18.24 -7.07 24.67
N VAL D 165 -17.35 -7.95 24.23
CA VAL D 165 -17.39 -8.58 22.92
C VAL D 165 -17.09 -10.07 23.09
N LEU D 166 -16.84 -10.78 21.99
CA LEU D 166 -16.70 -12.23 22.03
C LEU D 166 -15.53 -12.70 21.15
N VAL D 167 -14.56 -13.35 21.78
CA VAL D 167 -13.45 -13.94 21.06
C VAL D 167 -13.89 -15.30 20.52
N VAL D 168 -13.86 -15.45 19.21
CA VAL D 168 -14.31 -16.67 18.54
C VAL D 168 -13.16 -17.43 17.86
N GLY D 169 -11.93 -16.95 18.03
CA GLY D 169 -10.79 -17.61 17.42
C GLY D 169 -9.55 -16.74 17.48
N TYR D 170 -8.51 -17.16 16.74
CA TYR D 170 -7.26 -16.40 16.66
C TYR D 170 -6.47 -16.94 15.47
N GLY D 171 -5.48 -16.17 15.04
CA GLY D 171 -4.64 -16.58 13.93
C GLY D 171 -3.39 -15.74 13.78
N PHE D 172 -2.79 -15.84 12.60
CA PHE D 172 -1.53 -15.16 12.35
C PHE D 172 -1.44 -14.51 10.98
N ASN D 179 3.89 -12.19 15.43
CA ASN D 179 4.16 -11.22 14.38
C ASN D 179 2.88 -10.90 13.60
N ASN D 180 2.24 -9.79 13.98
CA ASN D 180 0.85 -9.49 13.60
C ASN D 180 -0.12 -10.67 13.76
N LYS D 181 -0.07 -11.30 14.93
CA LYS D 181 -1.09 -12.29 15.29
C LYS D 181 -2.35 -11.55 15.70
N TYR D 182 -3.49 -12.24 15.66
CA TYR D 182 -4.74 -11.58 16.00
C TYR D 182 -5.73 -12.45 16.75
N TRP D 183 -6.64 -11.76 17.43
CA TRP D 183 -7.83 -12.33 18.04
C TRP D 183 -8.95 -12.09 17.07
N LEU D 184 -9.75 -13.12 16.81
CA LEU D 184 -10.91 -12.98 15.94
C LEU D 184 -12.07 -12.65 16.86
N VAL D 185 -12.66 -11.48 16.66
CA VAL D 185 -13.62 -10.94 17.62
C VAL D 185 -14.97 -10.59 16.97
N LYS D 186 -16.04 -11.17 17.52
CA LYS D 186 -17.40 -10.87 17.12
C LYS D 186 -17.92 -9.64 17.87
N ASN D 187 -18.31 -8.61 17.11
CA ASN D 187 -18.93 -7.44 17.74
C ASN D 187 -20.47 -7.53 17.63
N SER D 188 -21.16 -6.59 18.27
CA SER D 188 -22.63 -6.56 18.26
C SER D 188 -23.16 -5.22 17.71
N TRP D 189 -22.58 -4.77 16.59
CA TRP D 189 -22.89 -3.47 15.99
C TRP D 189 -23.38 -3.68 14.56
N GLY D 190 -23.86 -4.89 14.27
CA GLY D 190 -24.39 -5.23 12.95
C GLY D 190 -23.34 -5.61 11.90
N GLU D 191 -23.81 -5.99 10.71
CA GLU D 191 -22.93 -6.45 9.62
C GLU D 191 -22.19 -5.36 8.84
N GLU D 192 -22.61 -4.09 8.92
CA GLU D 192 -21.94 -2.98 8.24
CA GLU D 192 -21.92 -2.99 8.22
C GLU D 192 -20.59 -2.70 8.89
N TRP D 193 -20.57 -2.74 10.22
CA TRP D 193 -19.37 -2.43 10.94
C TRP D 193 -18.30 -3.48 10.67
N GLY D 194 -17.05 -3.03 10.60
CA GLY D 194 -15.88 -3.90 10.38
C GLY D 194 -16.01 -4.89 9.24
N MET D 195 -15.54 -6.11 9.50
CA MET D 195 -15.50 -7.15 8.49
C MET D 195 -16.69 -8.07 8.73
N GLY D 196 -17.82 -7.75 8.10
CA GLY D 196 -19.08 -8.44 8.37
C GLY D 196 -19.45 -8.48 9.84
N GLY D 197 -19.08 -7.43 10.57
CA GLY D 197 -19.38 -7.35 12.01
C GLY D 197 -18.26 -7.83 12.92
N TYR D 198 -17.19 -8.33 12.29
CA TYR D 198 -16.03 -8.85 12.99
C TYR D 198 -14.84 -7.91 12.94
N VAL D 199 -13.94 -8.08 13.91
CA VAL D 199 -12.68 -7.34 13.94
C VAL D 199 -11.52 -8.28 14.27
N LYS D 200 -10.36 -8.07 13.64
CA LYS D 200 -9.17 -8.81 14.03
C LYS D 200 -8.38 -7.88 14.91
N MET D 201 -8.24 -8.27 16.17
N MET D 201 -8.22 -8.25 16.17
CA MET D 201 -7.59 -7.45 17.19
CA MET D 201 -7.55 -7.39 17.12
C MET D 201 -6.17 -7.94 17.46
C MET D 201 -6.19 -7.94 17.51
N ALA D 202 -5.24 -7.01 17.71
CA ALA D 202 -3.84 -7.35 17.97
C ALA D 202 -3.68 -8.35 19.13
N LYS D 203 -3.01 -9.47 18.86
CA LYS D 203 -2.76 -10.52 19.85
C LYS D 203 -1.28 -10.55 20.24
N ASP D 204 -1.00 -10.74 21.54
CA ASP D 204 0.36 -10.88 22.05
C ASP D 204 1.18 -9.62 21.82
N ARG D 205 0.47 -8.50 21.83
CA ARG D 205 1.08 -7.18 21.81
C ARG D 205 0.72 -6.44 23.09
N ARG D 206 1.18 -6.99 24.20
CA ARG D 206 1.07 -6.36 25.54
C ARG D 206 -0.39 -6.20 26.02
N ASN D 207 -1.19 -7.25 25.82
CA ASN D 207 -2.61 -7.25 26.19
C ASN D 207 -3.33 -6.03 25.61
N HIS D 208 -3.27 -5.89 24.29
CA HIS D 208 -3.76 -4.69 23.62
C HIS D 208 -5.26 -4.50 23.82
N CYS D 209 -5.64 -3.27 24.17
CA CYS D 209 -7.03 -2.91 24.51
C CYS D 209 -7.66 -3.69 25.71
N GLY D 210 -6.83 -4.40 26.47
CA GLY D 210 -7.26 -5.13 27.68
C GLY D 210 -8.03 -6.42 27.42
N ILE D 211 -7.78 -7.01 26.26
CA ILE D 211 -8.59 -8.15 25.79
C ILE D 211 -8.53 -9.37 26.74
N ALA D 212 -7.44 -9.45 27.50
CA ALA D 212 -7.26 -10.55 28.45
C ALA D 212 -7.49 -10.11 29.88
N SER D 213 -7.90 -8.86 30.09
CA SER D 213 -8.05 -8.33 31.45
C SER D 213 -9.33 -8.79 32.17
N ALA D 214 -10.37 -9.13 31.42
CA ALA D 214 -11.62 -9.60 32.05
C ALA D 214 -12.33 -10.61 31.16
N ALA D 215 -11.67 -11.75 30.92
CA ALA D 215 -12.19 -12.84 30.07
C ALA D 215 -12.87 -13.93 30.89
N SER D 216 -13.95 -14.49 30.36
CA SER D 216 -14.72 -15.47 31.13
C SER D 216 -15.68 -16.24 30.20
N TYR D 217 -16.20 -17.35 30.69
CA TYR D 217 -17.18 -18.16 29.98
C TYR D 217 -18.11 -18.88 30.95
N PRO D 218 -19.32 -19.17 30.51
CA PRO D 218 -20.26 -19.83 31.42
C PRO D 218 -19.98 -21.33 31.50
N THR D 219 -20.18 -21.93 32.68
CA THR D 219 -20.09 -23.38 32.79
C THR D 219 -21.45 -23.99 32.45
N VAL D 220 -21.45 -24.95 31.54
CA VAL D 220 -22.64 -25.72 31.25
C VAL D 220 -22.34 -27.15 31.72
S1 424 E . 6.13 -2.41 -13.31
N2 424 E . 4.45 -3.69 -16.03
CL2 424 E . 8.40 -0.18 -13.65
C3 424 E . 5.32 -5.58 -17.34
CL3 424 E . 6.82 -2.37 -22.29
C4 424 E . 5.62 -1.86 -14.96
C5 424 E . 4.22 -4.91 -16.55
C6 424 E . 3.50 -2.94 -15.21
C7 424 E . 7.83 -2.81 -13.42
C8 424 E . 5.74 -2.94 -16.04
C9 424 E . 4.11 -1.56 -14.95
C10 424 E . 2.20 -2.71 -15.94
C11 424 E . 6.38 -6.35 -16.54
C12 424 E . 5.31 -7.09 -17.34
C13 424 E . -0.25 -2.93 -15.87
N14 424 E . 1.09 -3.13 -15.33
C15 424 E . -0.83 -1.61 -15.54
N16 424 E . -2.11 -1.39 -15.63
C17 424 E . 5.73 -4.79 -18.57
O18 424 E . 5.98 -1.32 -12.42
O19 424 E . 5.47 -3.65 -13.04
C20 424 E . -0.63 -3.58 -17.19
C21 424 E . -1.14 -4.17 -15.87
O22 424 E . 3.12 -5.42 -16.42
C23 424 E . 8.81 -1.84 -13.56
O24 424 E . 2.23 -2.12 -17.00
C25 424 E . 7.02 -4.32 -18.75
C26 424 E . 4.80 -4.51 -19.56
C27 424 E . 6.44 -3.28 -20.86
C29 424 E . 8.21 -4.13 -13.34
C30 424 E . 7.37 -3.56 -19.87
C31 424 E . 5.15 -3.79 -20.70
C33 424 E . 10.14 -2.19 -13.62
C34 424 E . 9.54 -4.49 -13.39
C35 424 E . 10.50 -3.52 -13.52
S1 424 F . 31.36 25.34 -1.70
N2 424 F . 32.14 25.11 1.62
CL2 424 F . 31.52 28.11 -3.22
C3 424 F . 30.53 25.71 3.32
CL3 424 F . 33.08 30.93 5.16
C4 424 F . 32.52 26.10 -0.53
C5 424 F . 31.52 24.74 2.72
C6 424 F . 33.12 24.26 0.94
C7 424 F . 29.97 26.43 -1.81
C8 424 F . 31.92 26.38 0.87
C9 424 F . 33.65 25.05 -0.28
C10 424 F . 34.31 23.87 1.80
C11 424 F . 29.14 25.78 2.68
C12 424 F . 29.32 25.11 4.03
C13 424 F . 35.72 21.95 2.48
N14 424 F . 34.57 22.57 1.80
C15 424 F . 36.94 21.95 1.64
N16 424 F . 37.97 21.22 1.89
C17 424 F . 31.12 27.04 3.78
O18 424 F . 32.01 25.29 -2.97
O19 424 F . 30.86 24.16 -1.11
C20 424 F . 35.87 22.30 3.95
C21 424 F . 35.54 20.87 3.56
O22 424 F . 31.81 23.64 3.17
C23 424 F . 30.07 27.64 -2.46
O24 424 F . 34.99 24.71 2.39
C25 424 F . 30.61 28.26 3.34
C26 424 F . 32.24 27.03 4.61
C27 424 F . 32.31 29.45 4.61
C29 424 F . 28.76 26.08 -1.23
C30 424 F . 31.20 29.47 3.77
C31 424 F . 32.81 28.22 5.04
C33 424 F . 28.99 28.48 -2.59
C34 424 F . 27.67 26.94 -1.33
C35 424 F . 27.79 28.13 -2.01
S1 424 G . -22.57 -20.19 -14.28
N2 424 G . -19.68 -20.90 -15.76
CL2 424 G . -24.68 -22.39 -13.81
C3 424 G . -19.46 -21.10 -18.19
CL3 424 G . -18.92 -27.17 -18.28
C4 424 G . -21.45 -21.61 -14.31
C5 424 G . -19.04 -20.51 -16.88
C6 424 G . -19.36 -20.39 -14.43
C7 424 G . -23.78 -20.54 -15.51
C8 424 G . -20.80 -21.84 -15.70
C9 424 G . -20.28 -21.13 -13.44
C10 424 G . -17.95 -20.68 -13.98
C11 424 G . -20.64 -20.44 -18.92
C12 424 G . -19.22 -20.26 -19.45
C13 424 G . -15.83 -19.82 -12.96
N14 424 G . -17.19 -19.66 -13.52
C15 424 G . -15.79 -19.92 -11.48
N16 424 G . -14.66 -19.95 -10.85
C17 424 G . -19.34 -22.63 -18.25
O18 424 G . -23.23 -20.09 -13.03
O19 424 G . -21.81 -19.08 -14.76
C20 424 G . -14.71 -20.51 -13.72
C21 424 G . -14.73 -18.98 -13.61
O22 424 G . -18.14 -19.71 -16.75
C23 424 G . -24.73 -21.52 -15.30
O24 424 G . -17.54 -21.85 -13.96
C25 424 G . -20.37 -23.42 -18.67
C26 424 G . -18.16 -23.24 -17.83
C27 424 G . -19.05 -25.43 -18.27
C29 424 G . -23.77 -19.83 -16.70
C30 424 G . -20.23 -24.81 -18.68
C31 424 G . -18.02 -24.62 -17.84
C33 424 G . -25.68 -21.81 -16.26
C34 424 G . -24.72 -20.11 -17.66
C35 424 G . -25.69 -21.09 -17.45
S1 424 H . -16.69 -4.58 30.22
N2 424 H . -18.98 -2.24 30.98
CL2 424 H . -16.64 -7.41 31.76
C3 424 H . -18.70 -0.73 32.91
CL3 424 H . -23.03 -3.16 36.51
C4 424 H . -18.44 -4.55 30.71
C5 424 H . -18.92 -1.00 31.44
C6 424 H . -19.20 -2.58 29.56
C7 424 H . -15.74 -4.88 31.69
C8 424 H . -18.78 -3.47 31.76
C9 424 H . -19.30 -4.11 29.49
C10 424 H . -20.49 -2.02 29.01
C11 424 H . -17.21 -0.71 33.32
C12 424 H . -18.01 0.59 33.30
C13 424 H . -21.60 -0.75 27.21
N14 424 H . -20.42 -1.31 27.88
C15 424 H . -21.99 -1.60 26.08
N16 424 H . -23.00 -1.35 25.30
C17 424 H . -19.77 -1.31 33.82
O18 424 H . -16.50 -5.67 29.32
O19 424 H . -16.28 -3.25 29.91
C20 424 H . -22.65 0.06 27.98
C21 424 H . -21.65 0.76 27.04
O22 424 H . -19.07 -0.11 30.64
C23 424 H . -15.73 -6.09 32.36
O24 424 H . -21.55 -2.20 29.57
C25 424 H . -19.47 -2.22 34.82
C26 424 H . -21.12 -0.99 33.63
C27 424 H . -21.80 -2.44 35.48
C29 424 H . -14.99 -3.84 32.21
C30 424 H . -20.47 -2.75 35.65
C31 424 H . -22.11 -1.54 34.45
C33 424 H . -14.98 -6.27 33.50
C34 424 H . -14.23 -4.01 33.36
C35 424 H . -14.24 -5.23 34.01
#